data_5SNE
#
_entry.id   5SNE
#
_cell.length_a   137.282
_cell.length_b   65.029
_cell.length_c   84.344
_cell.angle_alpha   90.000
_cell.angle_beta   93.480
_cell.angle_gamma   90.000
#
_symmetry.space_group_name_H-M   'C 1 2 1'
#
loop_
_entity.id
_entity.type
_entity.pdbx_description
1 polymer '3-oxoacyl-[acyl-carrier-protein] synthase 2'
2 non-polymer 'methyl 4-(4-fluorophenyl)piperazine-1-carboxylate'
3 non-polymer 'DIMETHYL SULFOXIDE'
4 non-polymer 'PHOSPHATE ION'
5 water water
#
_entity_poly.entity_id   1
_entity_poly.type   'polypeptide(L)'
_entity_poly.pdbx_seq_one_letter_code
;MSRRRVVITGMGMLSPLGLDVPSSWEGILAGRSGIAPIEHMDLSAYSTRFGGSVKGFNVEEYLSAKEARKLDLFIQYGLA
ASFQAVRDSGLEVTDANRERIGVSMGSGIGGLTNIENNCRSLFEQGPRRISPFFVPGSIINMVSGFLSIHLGLQGPNYAL
TTAQTTGTHSIGMAARNIAYGEADVMVAGGSEMAACGLGLGGFGAARALSTRNDEPTRASRPWDRDRDGFVLSDGSGALV
LEELEHARARGARIYAELVGFGMSGDAFHMTAPPEDGAGAARCMKNALRDAGLDPRQVDYINAHGTSTPAGDIAEIAAVK
SVFGEHAHALSMSSTKSMTGHLLGAAGAVEAIFSVLALRDQVAPPTINLDNPDEGCDLDLVAHEAKPRKIDVALSNSFGF
GGTNGTLVFRRFAD
;
_entity_poly.pdbx_strand_id   A,B
#
loop_
_chem_comp.id
_chem_comp.type
_chem_comp.name
_chem_comp.formula
DMS non-polymer 'DIMETHYL SULFOXIDE' 'C2 H6 O S'
PO4 non-polymer 'PHOSPHATE ION' 'O4 P -3'
Q4L non-polymer 'methyl 4-(4-fluorophenyl)piperazine-1-carboxylate' 'C12 H15 F N2 O2'
#
# COMPACT_ATOMS: atom_id res chain seq x y z
N SER A 2 15.06 -21.64 -5.71
CA SER A 2 15.68 -20.92 -4.54
C SER A 2 15.90 -19.45 -4.88
N ARG A 3 16.43 -18.68 -3.93
CA ARG A 3 16.42 -17.20 -3.98
C ARG A 3 17.32 -16.70 -5.12
N ARG A 4 16.77 -15.92 -6.05
CA ARG A 4 17.56 -15.38 -7.18
C ARG A 4 18.13 -14.03 -6.82
N ARG A 5 19.16 -13.63 -7.53
CA ARG A 5 19.79 -12.31 -7.36
C ARG A 5 19.02 -11.23 -8.15
N VAL A 6 19.07 -9.98 -7.69
CA VAL A 6 18.32 -8.83 -8.23
C VAL A 6 19.24 -7.63 -8.46
N VAL A 7 19.16 -7.10 -9.67
CA VAL A 7 20.02 -5.96 -10.11
C VAL A 7 19.14 -4.81 -10.61
N ILE A 8 19.72 -3.62 -10.61
CA ILE A 8 19.11 -2.36 -11.09
C ILE A 8 19.58 -2.09 -12.52
N THR A 9 18.64 -2.01 -13.46
CA THR A 9 18.89 -1.91 -14.93
C THR A 9 18.29 -0.61 -15.46
N GLY A 10 17.52 0.13 -14.65
CA GLY A 10 16.81 1.34 -15.11
C GLY A 10 16.45 2.20 -13.94
N MET A 11 16.57 3.50 -14.08
CA MET A 11 16.16 4.49 -13.05
C MET A 11 15.51 5.70 -13.73
N GLY A 12 14.57 6.33 -13.03
CA GLY A 12 13.87 7.52 -13.52
C GLY A 12 13.39 8.34 -12.33
N MET A 13 13.28 9.64 -12.51
CA MET A 13 13.10 10.57 -11.38
C MET A 13 12.52 11.91 -11.83
N LEU A 14 11.65 12.46 -10.97
CA LEU A 14 11.32 13.89 -10.86
C LEU A 14 11.65 14.34 -9.43
N SER A 15 12.42 15.40 -9.29
CA SER A 15 12.77 15.93 -7.96
C SER A 15 12.76 17.45 -8.02
N PRO A 16 12.81 18.12 -6.86
CA PRO A 16 13.00 19.56 -6.84
C PRO A 16 14.35 19.96 -7.45
N LEU A 17 15.15 19.00 -7.90
CA LEU A 17 16.50 19.31 -8.46
C LEU A 17 16.51 19.07 -9.96
N GLY A 18 15.52 18.41 -10.53
CA GLY A 18 15.54 18.14 -11.97
C GLY A 18 14.42 17.22 -12.40
N LEU A 19 14.16 17.21 -13.71
CA LEU A 19 13.05 16.47 -14.35
C LEU A 19 13.57 15.09 -14.82
N ASP A 20 14.77 14.69 -14.38
CA ASP A 20 15.27 13.32 -14.64
C ASP A 20 16.40 13.00 -13.64
N VAL A 21 17.04 11.86 -13.83
CA VAL A 21 18.10 11.33 -12.94
C VAL A 21 19.38 12.14 -13.14
N PRO A 22 19.91 12.34 -14.39
CA PRO A 22 21.15 13.08 -14.60
C PRO A 22 21.14 14.51 -14.06
N SER A 23 20.04 15.24 -14.32
CA SER A 23 19.91 16.65 -13.90
C SER A 23 19.81 16.72 -12.37
N SER A 24 19.01 15.83 -11.77
CA SER A 24 18.86 15.72 -10.29
C SER A 24 20.22 15.41 -9.65
N TRP A 25 20.95 14.41 -10.19
CA TRP A 25 22.27 13.96 -9.65
C TRP A 25 23.32 15.09 -9.68
N GLU A 26 23.35 15.86 -10.77
N GLU A 26 23.36 15.86 -10.78
CA GLU A 26 24.22 17.05 -10.94
CA GLU A 26 24.22 17.07 -10.94
C GLU A 26 23.99 18.01 -9.77
C GLU A 26 23.99 17.98 -9.73
N GLY A 27 22.71 18.29 -9.44
CA GLY A 27 22.35 19.20 -8.34
C GLY A 27 22.81 18.65 -7.02
N ILE A 28 22.67 17.34 -6.83
CA ILE A 28 23.10 16.58 -5.60
C ILE A 28 24.61 16.78 -5.45
N LEU A 29 25.38 16.58 -6.50
CA LEU A 29 26.87 16.60 -6.38
C LEU A 29 27.34 18.05 -6.24
N ALA A 30 26.57 19.01 -6.76
CA ALA A 30 26.88 20.46 -6.69
C ALA A 30 26.36 21.09 -5.38
N GLY A 31 25.60 20.36 -4.57
CA GLY A 31 25.12 20.89 -3.27
C GLY A 31 24.06 21.97 -3.46
N ARG A 32 23.29 21.89 -4.53
CA ARG A 32 22.24 22.87 -4.87
C ARG A 32 20.98 22.51 -4.05
N SER A 33 20.20 23.50 -3.61
CA SER A 33 18.86 23.34 -2.99
C SER A 33 17.78 23.42 -4.08
N GLY A 34 16.75 22.59 -3.99
CA GLY A 34 15.54 22.67 -4.83
C GLY A 34 14.39 23.28 -4.04
N ILE A 35 14.68 23.91 -2.91
CA ILE A 35 13.63 24.42 -1.98
C ILE A 35 13.45 25.92 -2.21
N ALA A 36 12.20 26.37 -2.31
CA ALA A 36 11.81 27.73 -2.74
C ALA A 36 10.41 28.01 -2.25
N PRO A 37 10.03 29.29 -2.08
CA PRO A 37 8.67 29.64 -1.72
C PRO A 37 7.75 28.96 -2.73
N ILE A 38 6.63 28.42 -2.27
CA ILE A 38 5.64 27.75 -3.15
C ILE A 38 4.91 28.83 -3.96
N GLU A 39 4.69 28.57 -5.25
CA GLU A 39 4.09 29.49 -6.24
C GLU A 39 2.68 29.06 -6.63
N HIS A 40 2.29 27.79 -6.49
CA HIS A 40 1.06 27.28 -7.13
C HIS A 40 -0.16 27.48 -6.22
N MET A 41 0.01 28.00 -5.01
CA MET A 41 -1.15 28.40 -4.16
C MET A 41 -0.76 29.54 -3.21
N ASP A 42 -1.75 30.23 -2.66
CA ASP A 42 -1.61 31.37 -1.72
C ASP A 42 -1.49 30.84 -0.29
N LEU A 43 -0.28 30.89 0.31
CA LEU A 43 -0.03 30.27 1.64
C LEU A 43 0.07 31.33 2.74
N SER A 44 -0.53 32.51 2.58
CA SER A 44 -0.21 33.61 3.53
C SER A 44 -0.76 33.26 4.91
N ALA A 45 -1.77 32.38 5.00
CA ALA A 45 -2.44 31.93 6.25
C ALA A 45 -1.71 30.74 6.92
N TYR A 46 -0.68 30.20 6.28
CA TYR A 46 0.04 28.95 6.67
C TYR A 46 1.37 29.34 7.34
N SER A 47 1.81 28.55 8.32
CA SER A 47 3.09 28.86 9.03
C SER A 47 4.29 28.38 8.21
N THR A 48 4.10 27.49 7.21
CA THR A 48 5.12 27.11 6.19
C THR A 48 4.66 27.43 4.76
N ARG A 49 5.47 28.18 4.01
CA ARG A 49 5.07 28.80 2.70
C ARG A 49 6.01 28.36 1.58
N PHE A 50 6.83 27.35 1.83
CA PHE A 50 7.91 26.87 0.93
C PHE A 50 7.96 25.35 0.96
N GLY A 51 8.69 24.78 0.01
CA GLY A 51 8.95 23.33 -0.14
C GLY A 51 9.75 23.05 -1.40
N GLY A 52 9.96 21.77 -1.69
CA GLY A 52 10.61 21.27 -2.92
C GLY A 52 9.57 20.99 -3.99
N SER A 53 9.30 21.98 -4.85
CA SER A 53 8.37 21.79 -5.98
C SER A 53 9.15 21.17 -7.12
N VAL A 54 8.52 20.34 -7.95
CA VAL A 54 9.03 19.92 -9.28
C VAL A 54 8.76 21.08 -10.24
N LYS A 55 9.78 21.74 -10.77
CA LYS A 55 9.62 23.02 -11.49
C LYS A 55 9.65 22.73 -12.99
N GLY A 56 8.62 23.17 -13.74
CA GLY A 56 8.63 23.12 -15.21
C GLY A 56 8.33 21.73 -15.77
N PHE A 57 7.72 20.86 -14.96
CA PHE A 57 7.24 19.53 -15.39
C PHE A 57 6.21 19.70 -16.49
N ASN A 58 6.50 19.09 -17.62
CA ASN A 58 5.60 19.02 -18.79
C ASN A 58 5.09 17.57 -18.91
N VAL A 59 3.89 17.31 -18.40
CA VAL A 59 3.28 15.94 -18.46
C VAL A 59 3.09 15.49 -19.93
N GLU A 60 2.98 16.43 -20.87
CA GLU A 60 2.83 16.14 -22.33
C GLU A 60 4.15 15.72 -22.95
N GLU A 61 5.23 15.56 -22.17
CA GLU A 61 6.38 14.71 -22.58
C GLU A 61 6.01 13.24 -22.42
N TYR A 62 4.89 12.89 -21.82
CA TYR A 62 4.60 11.49 -21.41
C TYR A 62 3.21 11.05 -21.82
N LEU A 63 2.22 11.91 -21.62
CA LEU A 63 0.80 11.55 -21.72
C LEU A 63 0.09 12.65 -22.49
N SER A 64 -1.01 12.32 -23.15
CA SER A 64 -1.95 13.29 -23.78
C SER A 64 -2.50 14.20 -22.69
N ALA A 65 -2.68 15.49 -22.99
CA ALA A 65 -3.40 16.44 -22.11
C ALA A 65 -4.73 15.79 -21.68
N LYS A 66 -5.37 15.04 -22.56
CA LYS A 66 -6.71 14.44 -22.29
C LYS A 66 -6.65 13.43 -21.12
N GLU A 67 -5.62 12.57 -21.09
N GLU A 67 -5.61 12.58 -21.11
CA GLU A 67 -5.43 11.60 -19.97
CA GLU A 67 -5.39 11.63 -20.00
C GLU A 67 -4.90 12.36 -18.74
C GLU A 67 -4.95 12.42 -18.76
N ALA A 68 -3.98 13.31 -18.95
CA ALA A 68 -3.28 14.01 -17.86
C ALA A 68 -4.26 14.76 -16.94
N ARG A 69 -5.26 15.41 -17.56
N ARG A 69 -5.29 15.39 -17.53
CA ARG A 69 -6.34 16.19 -16.86
CA ARG A 69 -6.30 16.20 -16.81
C ARG A 69 -7.02 15.30 -15.81
C ARG A 69 -7.16 15.33 -15.89
N LYS A 70 -7.16 14.00 -16.07
CA LYS A 70 -7.95 13.06 -15.24
C LYS A 70 -7.12 12.57 -14.03
N LEU A 71 -5.85 12.90 -13.95
CA LEU A 71 -4.89 12.21 -13.04
C LEU A 71 -4.31 13.24 -12.09
N ASP A 72 -4.26 12.89 -10.80
CA ASP A 72 -3.54 13.69 -9.79
C ASP A 72 -2.07 13.83 -10.19
N LEU A 73 -1.42 14.93 -9.80
CA LEU A 73 0.03 15.11 -10.04
C LEU A 73 0.85 13.90 -9.53
N PHE A 74 0.49 13.28 -8.39
CA PHE A 74 1.32 12.16 -7.83
C PHE A 74 1.35 11.00 -8.86
N ILE A 75 0.23 10.77 -9.56
CA ILE A 75 0.14 9.77 -10.63
C ILE A 75 0.95 10.25 -11.84
N GLN A 76 0.72 11.48 -12.27
CA GLN A 76 1.54 12.08 -13.35
C GLN A 76 3.01 11.81 -13.01
N TYR A 77 3.46 12.20 -11.83
CA TYR A 77 4.89 12.13 -11.41
C TYR A 77 5.36 10.68 -11.42
N GLY A 78 4.50 9.77 -10.95
CA GLY A 78 4.76 8.34 -10.84
C GLY A 78 5.04 7.71 -12.17
N LEU A 79 4.13 7.95 -13.11
CA LEU A 79 4.23 7.52 -14.53
C LEU A 79 5.49 8.10 -15.20
N ALA A 80 5.77 9.38 -15.00
CA ALA A 80 6.94 10.03 -15.62
C ALA A 80 8.21 9.28 -15.23
N ALA A 81 8.46 9.15 -13.92
CA ALA A 81 9.62 8.43 -13.37
C ALA A 81 9.61 6.96 -13.85
N SER A 82 8.46 6.28 -13.82
CA SER A 82 8.30 4.89 -14.30
C SER A 82 8.70 4.80 -15.76
N PHE A 83 8.12 5.65 -16.62
CA PHE A 83 8.46 5.66 -18.07
C PHE A 83 9.97 5.90 -18.24
N GLN A 84 10.57 6.89 -17.58
CA GLN A 84 12.04 7.11 -17.69
C GLN A 84 12.75 5.80 -17.33
N ALA A 85 12.35 5.17 -16.23
CA ALA A 85 13.11 3.99 -15.70
C ALA A 85 13.04 2.86 -16.73
N VAL A 86 11.88 2.68 -17.34
CA VAL A 86 11.67 1.55 -18.28
C VAL A 86 12.45 1.83 -19.57
N ARG A 87 12.43 3.07 -20.06
N ARG A 87 12.43 3.07 -20.06
CA ARG A 87 13.22 3.50 -21.25
CA ARG A 87 13.22 3.46 -21.26
C ARG A 87 14.71 3.28 -20.96
C ARG A 87 14.71 3.29 -20.97
N ASP A 88 15.15 3.70 -19.77
CA ASP A 88 16.55 3.58 -19.30
C ASP A 88 16.99 2.11 -19.24
N SER A 89 16.05 1.18 -19.02
CA SER A 89 16.37 -0.26 -18.90
C SER A 89 16.61 -0.87 -20.29
N GLY A 90 16.08 -0.29 -21.37
CA GLY A 90 16.10 -0.88 -22.72
C GLY A 90 15.30 -2.17 -22.80
N LEU A 91 14.50 -2.47 -21.79
CA LEU A 91 13.73 -3.73 -21.77
C LEU A 91 12.62 -3.60 -22.80
N GLU A 92 12.33 -4.64 -23.58
CA GLU A 92 11.17 -4.71 -24.50
C GLU A 92 10.14 -5.62 -23.85
N VAL A 93 8.93 -5.11 -23.65
CA VAL A 93 7.77 -5.92 -23.19
C VAL A 93 7.20 -6.67 -24.39
N THR A 94 7.05 -7.98 -24.30
CA THR A 94 6.46 -8.84 -25.37
C THR A 94 5.47 -9.83 -24.77
N ASP A 95 4.74 -10.58 -25.61
CA ASP A 95 3.83 -11.66 -25.13
C ASP A 95 4.64 -12.71 -24.37
N ALA A 96 5.93 -12.86 -24.67
CA ALA A 96 6.81 -13.89 -24.07
C ALA A 96 7.16 -13.52 -22.63
N ASN A 97 7.05 -12.25 -22.21
CA ASN A 97 7.54 -11.86 -20.86
C ASN A 97 6.55 -10.95 -20.11
N ARG A 98 5.44 -10.53 -20.71
CA ARG A 98 4.63 -9.42 -20.13
C ARG A 98 4.08 -9.93 -18.79
N GLU A 99 3.82 -11.24 -18.66
CA GLU A 99 3.26 -11.82 -17.43
C GLU A 99 4.33 -11.93 -16.33
N ARG A 100 5.61 -11.71 -16.64
CA ARG A 100 6.74 -11.79 -15.68
C ARG A 100 7.21 -10.39 -15.29
N ILE A 101 6.51 -9.35 -15.73
CA ILE A 101 6.87 -7.93 -15.45
C ILE A 101 5.73 -7.28 -14.68
N GLY A 102 5.98 -6.87 -13.44
CA GLY A 102 4.99 -6.23 -12.57
C GLY A 102 5.42 -4.83 -12.17
N VAL A 103 4.64 -4.23 -11.27
CA VAL A 103 4.88 -2.83 -10.84
C VAL A 103 4.40 -2.67 -9.39
N SER A 104 5.24 -2.02 -8.60
CA SER A 104 4.94 -1.66 -7.21
C SER A 104 5.42 -0.22 -7.00
N MET A 105 4.59 0.73 -7.42
CA MET A 105 4.86 2.16 -7.21
C MET A 105 3.90 2.65 -6.11
N GLY A 106 4.43 3.26 -5.06
CA GLY A 106 3.68 3.54 -3.84
C GLY A 106 3.55 5.02 -3.62
N SER A 107 2.77 5.40 -2.62
CA SER A 107 2.67 6.81 -2.15
C SER A 107 2.28 6.85 -0.67
N GLY A 108 2.73 7.86 0.07
CA GLY A 108 2.33 8.08 1.49
C GLY A 108 0.89 8.52 1.61
N ILE A 109 0.49 9.43 0.74
CA ILE A 109 -0.74 10.27 0.86
C ILE A 109 -1.55 10.19 -0.44
N GLY A 110 -0.89 9.94 -1.57
CA GLY A 110 -1.57 9.85 -2.87
C GLY A 110 -2.25 11.17 -3.24
N GLY A 111 -3.48 11.10 -3.74
CA GLY A 111 -4.00 12.17 -4.62
C GLY A 111 -4.60 13.31 -3.80
N LEU A 112 -3.83 13.94 -2.92
CA LEU A 112 -4.40 14.83 -1.87
C LEU A 112 -5.01 16.07 -2.54
N THR A 113 -4.32 16.62 -3.55
CA THR A 113 -4.76 17.82 -4.31
C THR A 113 -6.13 17.54 -4.91
N ASN A 114 -6.21 16.40 -5.60
CA ASN A 114 -7.45 15.89 -6.21
C ASN A 114 -8.54 15.73 -5.15
N ILE A 115 -8.22 15.16 -4.02
CA ILE A 115 -9.27 14.80 -3.02
C ILE A 115 -9.83 16.12 -2.48
N GLU A 116 -8.95 17.09 -2.28
CA GLU A 116 -9.26 18.42 -1.72
C GLU A 116 -10.21 19.13 -2.71
N ASN A 117 -9.83 19.17 -3.99
CA ASN A 117 -10.60 19.87 -5.05
C ASN A 117 -11.99 19.26 -5.17
N ASN A 118 -12.08 17.95 -5.26
CA ASN A 118 -13.38 17.25 -5.32
C ASN A 118 -14.14 17.47 -4.02
N CYS A 119 -13.46 17.52 -2.86
CA CYS A 119 -14.14 17.81 -1.57
C CYS A 119 -14.71 19.24 -1.58
N ARG A 120 -13.97 20.20 -2.10
CA ARG A 120 -14.41 21.60 -2.25
C ARG A 120 -15.64 21.67 -3.18
N SER A 121 -15.64 20.94 -4.29
CA SER A 121 -16.80 20.82 -5.25
C SER A 121 -18.02 20.28 -4.54
N LEU A 122 -17.82 19.28 -3.70
CA LEU A 122 -18.89 18.62 -2.92
C LEU A 122 -19.52 19.61 -1.92
N PHE A 123 -18.74 20.46 -1.27
CA PHE A 123 -19.20 21.26 -0.11
C PHE A 123 -19.74 22.61 -0.60
N GLU A 124 -19.12 23.17 -1.63
CA GLU A 124 -19.48 24.48 -2.21
C GLU A 124 -20.65 24.30 -3.20
N GLN A 125 -20.71 23.19 -3.94
CA GLN A 125 -21.68 23.00 -5.05
C GLN A 125 -22.59 21.81 -4.73
N GLY A 126 -22.03 20.60 -4.67
CA GLY A 126 -22.77 19.37 -4.33
C GLY A 126 -22.16 18.17 -5.03
N PRO A 127 -22.72 16.95 -4.79
CA PRO A 127 -22.12 15.70 -5.24
C PRO A 127 -22.16 15.57 -6.76
N ARG A 128 -23.07 16.31 -7.42
CA ARG A 128 -23.24 16.31 -8.88
C ARG A 128 -22.02 16.95 -9.55
N ARG A 129 -21.17 17.68 -8.81
CA ARG A 129 -19.96 18.31 -9.40
C ARG A 129 -18.72 17.48 -9.12
N ILE A 130 -18.81 16.31 -8.46
CA ILE A 130 -17.59 15.47 -8.27
C ILE A 130 -17.22 14.88 -9.64
N SER A 131 -15.95 14.96 -10.05
CA SER A 131 -15.42 14.35 -11.30
C SER A 131 -15.76 12.87 -11.30
N PRO A 132 -16.29 12.30 -12.40
CA PRO A 132 -16.37 10.84 -12.53
C PRO A 132 -14.98 10.18 -12.42
N PHE A 133 -13.90 10.93 -12.63
CA PHE A 133 -12.51 10.41 -12.66
C PHE A 133 -11.86 10.57 -11.27
N PHE A 134 -12.59 11.06 -10.26
CA PHE A 134 -12.10 11.37 -8.90
C PHE A 134 -11.42 10.13 -8.29
N VAL A 135 -12.09 8.99 -8.29
CA VAL A 135 -11.57 7.75 -7.65
C VAL A 135 -10.39 7.19 -8.44
N PRO A 136 -10.53 6.79 -9.73
CA PRO A 136 -9.40 6.18 -10.43
C PRO A 136 -8.27 7.19 -10.72
N GLY A 137 -8.54 8.49 -10.60
CA GLY A 137 -7.52 9.54 -10.80
C GLY A 137 -6.80 9.97 -9.54
N SER A 138 -7.17 9.43 -8.37
CA SER A 138 -6.66 9.89 -7.05
C SER A 138 -6.10 8.75 -6.19
N ILE A 139 -6.67 7.54 -6.22
CA ILE A 139 -6.28 6.44 -5.29
C ILE A 139 -4.87 5.91 -5.59
N ILE A 140 -4.17 5.54 -4.51
CA ILE A 140 -2.69 5.34 -4.47
C ILE A 140 -2.26 4.25 -5.49
N ASN A 141 -3.06 3.19 -5.70
CA ASN A 141 -2.63 2.01 -6.51
C ASN A 141 -2.62 2.30 -8.02
N MET A 142 -2.97 3.50 -8.47
CA MET A 142 -3.22 3.75 -9.91
C MET A 142 -1.94 4.24 -10.59
N VAL A 143 -0.85 4.46 -9.85
CA VAL A 143 0.46 4.55 -10.57
C VAL A 143 0.74 3.18 -11.18
N SER A 144 0.69 2.14 -10.33
CA SER A 144 0.85 0.72 -10.74
C SER A 144 -0.21 0.37 -11.79
N GLY A 145 -1.46 0.70 -11.55
CA GLY A 145 -2.56 0.45 -12.52
C GLY A 145 -2.27 1.05 -13.90
N PHE A 146 -2.03 2.37 -13.97
CA PHE A 146 -1.91 3.11 -15.26
C PHE A 146 -0.60 2.69 -15.93
N LEU A 147 0.44 2.40 -15.15
CA LEU A 147 1.72 1.98 -15.78
C LEU A 147 1.47 0.66 -16.49
N SER A 148 0.78 -0.27 -15.83
N SER A 148 0.81 -0.28 -15.82
CA SER A 148 0.50 -1.62 -16.40
CA SER A 148 0.46 -1.63 -16.38
C SER A 148 -0.36 -1.48 -17.67
C SER A 148 -0.34 -1.48 -17.66
N ILE A 149 -1.36 -0.60 -17.65
CA ILE A 149 -2.28 -0.36 -18.80
C ILE A 149 -1.50 0.20 -19.99
N HIS A 150 -0.62 1.18 -19.78
CA HIS A 150 0.19 1.85 -20.85
C HIS A 150 1.28 0.93 -21.42
N LEU A 151 1.85 0.01 -20.62
CA LEU A 151 3.03 -0.78 -21.10
C LEU A 151 2.65 -2.24 -21.33
N GLY A 152 1.48 -2.69 -20.88
CA GLY A 152 1.05 -4.08 -20.99
C GLY A 152 1.71 -4.99 -19.95
N LEU A 153 1.96 -4.50 -18.72
CA LEU A 153 2.61 -5.28 -17.64
C LEU A 153 1.53 -6.12 -16.95
N GLN A 154 1.59 -7.44 -17.10
CA GLN A 154 0.57 -8.32 -16.50
C GLN A 154 1.14 -9.06 -15.29
N GLY A 155 2.39 -8.76 -14.89
CA GLY A 155 2.99 -9.29 -13.64
C GLY A 155 2.25 -8.87 -12.36
N PRO A 156 2.77 -9.16 -11.16
CA PRO A 156 2.17 -8.64 -9.94
C PRO A 156 2.06 -7.11 -9.99
N ASN A 157 0.88 -6.65 -9.58
CA ASN A 157 0.51 -5.23 -9.66
C ASN A 157 -0.04 -4.77 -8.32
N TYR A 158 0.69 -3.94 -7.61
CA TYR A 158 0.29 -3.47 -6.26
C TYR A 158 0.97 -2.15 -5.89
N ALA A 159 0.57 -1.63 -4.75
CA ALA A 159 1.17 -0.41 -4.17
C ALA A 159 1.30 -0.59 -2.66
N LEU A 160 2.41 -0.11 -2.12
CA LEU A 160 2.58 0.03 -0.65
C LEU A 160 2.20 1.46 -0.31
N THR A 161 1.73 1.62 0.91
CA THR A 161 1.55 2.93 1.54
C THR A 161 1.98 2.78 2.99
N THR A 162 3.21 3.19 3.27
CA THR A 162 3.87 3.09 4.60
C THR A 162 4.53 4.43 4.84
N ALA A 163 3.83 5.51 4.54
CA ALA A 163 4.25 6.88 4.92
C ALA A 163 5.64 7.13 4.37
N GLN A 164 6.55 7.64 5.17
CA GLN A 164 7.87 8.11 4.68
C GLN A 164 8.78 6.93 4.34
N THR A 165 8.30 5.69 4.47
CA THR A 165 9.11 4.46 4.23
C THR A 165 8.65 3.81 2.95
N THR A 166 7.55 4.30 2.35
CA THR A 166 6.90 3.74 1.15
C THR A 166 7.92 3.33 0.05
N GLY A 167 8.79 4.24 -0.38
CA GLY A 167 9.69 4.04 -1.52
C GLY A 167 10.70 2.93 -1.25
N THR A 168 11.23 2.88 -0.03
CA THR A 168 12.17 1.84 0.40
C THR A 168 11.44 0.49 0.41
N HIS A 169 10.29 0.41 1.07
CA HIS A 169 9.50 -0.84 1.15
C HIS A 169 9.11 -1.30 -0.24
N SER A 170 8.66 -0.37 -1.10
CA SER A 170 8.19 -0.73 -2.46
C SER A 170 9.30 -1.47 -3.22
N ILE A 171 10.50 -0.87 -3.20
CA ILE A 171 11.70 -1.40 -3.86
C ILE A 171 12.08 -2.75 -3.26
N GLY A 172 12.15 -2.85 -1.92
CA GLY A 172 12.51 -4.08 -1.18
C GLY A 172 11.59 -5.26 -1.47
N MET A 173 10.28 -5.05 -1.34
N MET A 173 10.29 -5.04 -1.40
CA MET A 173 9.23 -6.08 -1.54
CA MET A 173 9.29 -6.12 -1.56
C MET A 173 9.20 -6.50 -3.02
C MET A 173 9.16 -6.52 -3.04
N ALA A 174 9.43 -5.59 -3.96
CA ALA A 174 9.49 -5.91 -5.41
C ALA A 174 10.75 -6.78 -5.66
N ALA A 175 11.85 -6.51 -4.97
CA ALA A 175 13.07 -7.34 -5.08
C ALA A 175 12.78 -8.75 -4.58
N ARG A 176 12.02 -8.88 -3.49
CA ARG A 176 11.60 -10.17 -2.95
C ARG A 176 10.72 -10.90 -3.95
N ASN A 177 9.80 -10.19 -4.61
CA ASN A 177 8.98 -10.75 -5.73
C ASN A 177 9.91 -11.48 -6.72
N ILE A 178 11.00 -10.82 -7.09
CA ILE A 178 11.89 -11.34 -8.17
C ILE A 178 12.71 -12.47 -7.56
N ALA A 179 13.36 -12.19 -6.43
CA ALA A 179 14.15 -13.16 -5.67
C ALA A 179 13.37 -14.48 -5.59
N TYR A 180 12.10 -14.47 -5.21
CA TYR A 180 11.34 -15.73 -4.98
C TYR A 180 10.60 -16.21 -6.23
N GLY A 181 10.77 -15.57 -7.38
CA GLY A 181 10.31 -16.12 -8.67
C GLY A 181 8.84 -15.80 -8.97
N GLU A 182 8.22 -14.83 -8.31
CA GLU A 182 6.86 -14.37 -8.69
C GLU A 182 6.95 -13.45 -9.93
N ALA A 183 8.11 -12.88 -10.23
CA ALA A 183 8.34 -12.00 -11.38
C ALA A 183 9.83 -12.06 -11.72
N ASP A 184 10.21 -11.64 -12.92
CA ASP A 184 11.61 -11.47 -13.37
C ASP A 184 11.97 -10.00 -13.45
N VAL A 185 10.96 -9.14 -13.59
CA VAL A 185 11.16 -7.68 -13.65
C VAL A 185 10.08 -7.01 -12.83
N MET A 186 10.45 -5.97 -12.10
CA MET A 186 9.47 -5.12 -11.40
C MET A 186 9.94 -3.68 -11.55
N VAL A 187 8.98 -2.82 -11.88
CA VAL A 187 9.14 -1.34 -11.79
C VAL A 187 8.70 -0.92 -10.38
N ALA A 188 9.61 -0.34 -9.61
CA ALA A 188 9.27 -0.06 -8.19
C ALA A 188 9.84 1.27 -7.73
N GLY A 189 9.11 1.87 -6.78
CA GLY A 189 9.50 3.17 -6.21
C GLY A 189 8.29 3.83 -5.61
N GLY A 190 8.25 5.16 -5.67
CA GLY A 190 7.07 5.89 -5.18
C GLY A 190 7.01 7.25 -5.77
N SER A 191 5.89 7.93 -5.50
CA SER A 191 5.63 9.32 -5.98
C SER A 191 4.78 10.00 -4.91
N GLU A 192 4.97 11.30 -4.82
CA GLU A 192 4.25 12.10 -3.83
C GLU A 192 4.05 13.51 -4.36
N MET A 193 2.88 14.07 -4.08
N MET A 193 2.87 14.06 -4.08
CA MET A 193 2.55 15.50 -4.29
CA MET A 193 2.51 15.48 -4.30
C MET A 193 1.53 15.90 -3.22
C MET A 193 1.52 15.88 -3.21
N ALA A 194 2.03 16.27 -2.04
CA ALA A 194 1.20 16.54 -0.85
C ALA A 194 1.10 18.05 -0.61
N ALA A 195 1.63 18.88 -1.53
CA ALA A 195 1.69 20.36 -1.44
C ALA A 195 0.36 20.94 -1.90
N CYS A 196 -0.67 20.75 -1.09
CA CYS A 196 -1.98 21.45 -1.17
C CYS A 196 -2.34 21.95 0.23
N GLY A 197 -3.50 22.59 0.39
CA GLY A 197 -3.93 23.13 1.69
C GLY A 197 -3.90 22.07 2.77
N LEU A 198 -4.50 20.90 2.52
CA LEU A 198 -4.60 19.79 3.50
C LEU A 198 -3.20 19.33 3.90
N GLY A 199 -2.27 19.28 2.95
CA GLY A 199 -0.91 18.79 3.21
C GLY A 199 -0.06 19.74 4.03
N LEU A 200 0.12 20.96 3.57
CA LEU A 200 0.94 21.91 4.36
C LEU A 200 0.23 22.26 5.67
N GLY A 201 -1.09 22.43 5.63
CA GLY A 201 -1.92 22.63 6.82
C GLY A 201 -1.87 21.44 7.76
N GLY A 202 -1.91 20.20 7.24
CA GLY A 202 -1.95 19.00 8.09
C GLY A 202 -0.62 18.81 8.82
N PHE A 203 0.47 18.96 8.10
CA PHE A 203 1.82 18.81 8.70
C PHE A 203 2.12 20.02 9.59
N GLY A 204 1.67 21.20 9.19
CA GLY A 204 1.74 22.43 10.02
C GLY A 204 0.95 22.35 11.32
N ALA A 205 -0.25 21.79 11.32
CA ALA A 205 -1.05 21.59 12.54
C ALA A 205 -0.25 20.69 13.49
N ALA A 206 0.48 19.69 12.95
CA ALA A 206 1.33 18.77 13.76
C ALA A 206 2.63 19.44 14.18
N ARG A 207 2.91 20.65 13.69
CA ARG A 207 4.16 21.40 13.97
C ARG A 207 5.39 20.56 13.57
N ALA A 208 5.26 19.72 12.53
CA ALA A 208 6.33 18.83 11.97
C ALA A 208 7.25 19.56 10.98
N LEU A 209 6.83 20.69 10.37
CA LEU A 209 7.55 21.36 9.25
C LEU A 209 8.49 22.44 9.79
N SER A 210 9.62 22.66 9.10
CA SER A 210 10.45 23.87 9.29
C SER A 210 9.60 25.09 8.97
N THR A 211 9.71 26.15 9.79
CA THR A 211 9.02 27.43 9.54
C THR A 211 10.03 28.50 9.08
N ARG A 212 11.16 28.07 8.50
CA ARG A 212 12.20 29.02 8.03
C ARG A 212 11.78 29.61 6.67
N ASN A 213 10.67 30.33 6.65
CA ASN A 213 10.05 30.90 5.44
C ASN A 213 10.96 31.97 4.86
N ASP A 214 11.80 32.59 5.66
CA ASP A 214 12.63 33.72 5.18
C ASP A 214 13.96 33.23 4.64
N GLU A 215 14.23 31.92 4.70
CA GLU A 215 15.46 31.33 4.09
C GLU A 215 15.20 29.87 3.70
N PRO A 216 14.30 29.60 2.73
CA PRO A 216 13.93 28.22 2.41
C PRO A 216 15.09 27.28 2.09
N THR A 217 16.17 27.76 1.46
CA THR A 217 17.28 26.88 1.04
C THR A 217 18.04 26.38 2.27
N ARG A 218 17.93 27.05 3.41
CA ARG A 218 18.70 26.71 4.65
C ARG A 218 17.79 25.97 5.66
N ALA A 219 16.50 25.78 5.36
CA ALA A 219 15.49 25.16 6.24
C ALA A 219 15.92 23.75 6.61
N SER A 220 16.18 22.94 5.59
CA SER A 220 16.54 21.49 5.71
C SER A 220 18.03 21.40 6.07
N ARG A 221 18.30 21.12 7.33
CA ARG A 221 19.67 21.16 7.92
C ARG A 221 19.81 19.94 8.82
N PRO A 222 19.82 18.71 8.25
CA PRO A 222 19.87 17.47 9.04
C PRO A 222 21.12 17.46 9.93
N TRP A 223 20.93 17.19 11.23
CA TRP A 223 21.99 17.09 12.28
C TRP A 223 22.53 18.47 12.68
N ASP A 224 22.00 19.56 12.09
CA ASP A 224 22.40 20.91 12.50
C ASP A 224 21.65 21.27 13.79
N ARG A 225 22.30 21.97 14.73
CA ARG A 225 21.68 22.32 16.05
C ARG A 225 20.48 23.23 15.84
N ASP A 226 20.35 23.90 14.69
CA ASP A 226 19.28 24.91 14.45
C ASP A 226 18.14 24.32 13.59
N ARG A 227 18.06 23.01 13.42
CA ARG A 227 17.01 22.34 12.60
C ARG A 227 15.69 22.45 13.36
N ASP A 228 14.57 22.55 12.65
CA ASP A 228 13.26 22.86 13.29
C ASP A 228 12.13 22.15 12.55
N GLY A 229 12.42 21.03 11.88
CA GLY A 229 11.37 20.22 11.22
C GLY A 229 11.70 19.93 9.77
N PHE A 230 10.93 19.09 9.12
CA PHE A 230 11.28 18.68 7.75
C PHE A 230 10.66 19.69 6.76
N VAL A 231 11.17 19.61 5.54
CA VAL A 231 10.78 20.49 4.40
C VAL A 231 10.02 19.57 3.46
N LEU A 232 8.82 19.96 3.05
CA LEU A 232 7.91 19.10 2.26
C LEU A 232 8.23 19.29 0.78
N SER A 233 8.49 18.19 0.09
CA SER A 233 8.95 18.14 -1.32
C SER A 233 8.12 17.11 -2.08
N ASP A 234 8.03 17.32 -3.39
CA ASP A 234 7.21 16.56 -4.36
C ASP A 234 8.15 15.84 -5.32
N GLY A 235 7.68 14.74 -5.87
CA GLY A 235 8.41 14.07 -6.95
C GLY A 235 8.17 12.58 -6.98
N SER A 236 9.10 11.85 -7.60
N SER A 236 9.08 11.85 -7.61
CA SER A 236 8.95 10.42 -7.92
CA SER A 236 8.94 10.40 -7.88
C SER A 236 10.33 9.79 -8.20
C SER A 236 10.30 9.78 -8.21
N GLY A 237 10.48 8.53 -7.79
CA GLY A 237 11.65 7.69 -8.13
C GLY A 237 11.10 6.36 -8.60
N ALA A 238 11.63 5.86 -9.69
CA ALA A 238 11.33 4.49 -10.16
C ALA A 238 12.64 3.83 -10.57
N LEU A 239 12.75 2.56 -10.25
CA LEU A 239 13.86 1.67 -10.65
C LEU A 239 13.28 0.46 -11.36
N VAL A 240 14.01 -0.03 -12.35
CA VAL A 240 13.72 -1.37 -12.92
C VAL A 240 14.59 -2.38 -12.16
N LEU A 241 13.94 -3.30 -11.46
CA LEU A 241 14.59 -4.41 -10.76
C LEU A 241 14.40 -5.61 -11.66
N GLU A 242 15.49 -6.37 -11.83
CA GLU A 242 15.55 -7.49 -12.80
C GLU A 242 16.33 -8.67 -12.20
N GLU A 243 15.83 -9.88 -12.35
CA GLU A 243 16.61 -11.09 -11.99
C GLU A 243 17.93 -11.04 -12.77
N LEU A 244 19.01 -11.45 -12.12
CA LEU A 244 20.40 -11.27 -12.62
C LEU A 244 20.58 -12.04 -13.92
N GLU A 245 20.10 -13.30 -13.99
CA GLU A 245 20.35 -14.18 -15.18
C GLU A 245 19.56 -13.57 -16.35
N HIS A 246 18.36 -13.06 -16.08
CA HIS A 246 17.48 -12.36 -17.06
C HIS A 246 18.25 -11.15 -17.62
N ALA A 247 18.92 -10.38 -16.77
CA ALA A 247 19.62 -9.14 -17.19
C ALA A 247 20.88 -9.50 -17.99
N ARG A 248 21.56 -10.58 -17.59
CA ARG A 248 22.75 -11.11 -18.29
C ARG A 248 22.36 -11.57 -19.69
N ALA A 249 21.35 -12.43 -19.77
CA ALA A 249 20.78 -13.00 -21.02
C ALA A 249 20.58 -11.88 -22.06
N ARG A 250 19.92 -10.77 -21.71
CA ARG A 250 19.60 -9.70 -22.70
C ARG A 250 20.73 -8.66 -22.77
N GLY A 251 21.87 -8.82 -22.09
CA GLY A 251 22.96 -7.85 -22.14
C GLY A 251 22.59 -6.50 -21.53
N ALA A 252 21.76 -6.44 -20.48
CA ALA A 252 21.39 -5.18 -19.79
C ALA A 252 22.63 -4.55 -19.14
N ARG A 253 22.73 -3.23 -19.21
CA ARG A 253 23.64 -2.43 -18.38
C ARG A 253 23.13 -2.55 -16.94
N ILE A 254 23.99 -2.97 -16.03
CA ILE A 254 23.63 -3.16 -14.61
C ILE A 254 24.25 -2.03 -13.81
N TYR A 255 23.44 -1.26 -13.08
CA TYR A 255 23.95 -0.14 -12.27
C TYR A 255 24.61 -0.65 -10.97
N ALA A 256 24.00 -1.66 -10.35
CA ALA A 256 24.29 -2.10 -8.98
C ALA A 256 23.47 -3.34 -8.69
N GLU A 257 23.88 -4.13 -7.68
CA GLU A 257 23.07 -5.25 -7.16
C GLU A 257 22.36 -4.83 -5.88
N LEU A 258 21.10 -5.21 -5.73
N LEU A 258 21.11 -5.26 -5.72
CA LEU A 258 20.31 -5.11 -4.47
CA LEU A 258 20.28 -5.14 -4.50
C LEU A 258 20.47 -6.41 -3.71
C LEU A 258 20.46 -6.43 -3.69
N VAL A 259 21.32 -6.40 -2.68
CA VAL A 259 21.73 -7.63 -1.93
C VAL A 259 20.95 -7.74 -0.64
N GLY A 260 20.35 -6.65 -0.13
CA GLY A 260 19.83 -6.64 1.25
C GLY A 260 18.57 -5.80 1.38
N PHE A 261 17.62 -6.31 2.15
CA PHE A 261 16.41 -5.57 2.53
C PHE A 261 16.05 -5.93 3.97
N GLY A 262 15.81 -4.88 4.74
CA GLY A 262 15.23 -4.94 6.08
C GLY A 262 14.02 -4.05 6.17
N MET A 263 13.00 -4.62 6.78
CA MET A 263 11.85 -3.97 7.43
C MET A 263 11.93 -4.45 8.87
N SER A 264 11.50 -3.60 9.78
CA SER A 264 11.25 -3.90 11.21
C SER A 264 10.26 -2.82 11.62
N GLY A 265 9.19 -3.17 12.33
CA GLY A 265 8.43 -2.18 13.13
C GLY A 265 9.17 -1.84 14.42
N ASP A 266 9.24 -0.56 14.78
CA ASP A 266 9.67 0.02 16.08
C ASP A 266 8.77 -0.46 17.22
N ALA A 267 7.46 -0.40 17.00
CA ALA A 267 6.41 -0.61 18.01
C ALA A 267 6.59 0.41 19.14
N PHE A 268 7.18 1.57 18.84
CA PHE A 268 7.50 2.63 19.82
C PHE A 268 6.36 3.64 19.91
N HIS A 269 6.12 4.43 18.85
CA HIS A 269 5.16 5.59 18.88
C HIS A 269 4.55 5.84 17.48
N MET A 270 3.34 6.38 17.48
CA MET A 270 2.58 6.74 16.24
C MET A 270 3.46 7.54 15.29
N THR A 271 4.23 8.52 15.81
CA THR A 271 4.93 9.53 14.97
C THR A 271 6.37 9.82 15.42
N ALA A 272 6.73 9.59 16.68
CA ALA A 272 8.09 9.91 17.19
C ALA A 272 8.99 8.68 17.04
N PRO A 273 10.23 8.84 16.52
CA PRO A 273 11.18 7.73 16.44
C PRO A 273 11.87 7.60 17.81
N PRO A 274 12.19 6.38 18.32
CA PRO A 274 12.90 6.26 19.61
C PRO A 274 14.29 6.90 19.57
N GLU A 275 14.62 7.75 20.56
CA GLU A 275 15.90 8.48 20.73
C GLU A 275 17.14 7.59 20.47
N ASP A 276 17.12 6.35 20.97
CA ASP A 276 18.28 5.40 20.92
C ASP A 276 18.42 4.74 19.53
N GLY A 277 17.45 4.92 18.64
CA GLY A 277 17.53 4.43 17.25
C GLY A 277 17.39 2.92 17.18
N ALA A 278 16.60 2.30 18.09
CA ALA A 278 16.39 0.84 18.24
C ALA A 278 15.72 0.25 16.98
N GLY A 279 14.74 0.95 16.39
CA GLY A 279 14.05 0.47 15.18
C GLY A 279 14.94 0.56 13.95
N ALA A 280 15.69 1.65 13.80
CA ALA A 280 16.63 1.76 12.68
C ALA A 280 17.73 0.68 12.80
N ALA A 281 18.26 0.52 14.01
CA ALA A 281 19.29 -0.47 14.34
C ALA A 281 18.78 -1.87 13.97
N ARG A 282 17.59 -2.25 14.45
CA ARG A 282 17.02 -3.60 14.18
C ARG A 282 16.90 -3.81 12.68
N CYS A 283 16.38 -2.80 11.98
CA CYS A 283 16.16 -2.80 10.53
C CYS A 283 17.50 -2.96 9.78
N MET A 284 18.51 -2.17 10.10
CA MET A 284 19.81 -2.20 9.38
C MET A 284 20.47 -3.57 9.61
N LYS A 285 20.38 -4.12 10.83
CA LYS A 285 20.94 -5.45 11.18
C LYS A 285 20.23 -6.53 10.36
N ASN A 286 18.90 -6.46 10.26
CA ASN A 286 18.13 -7.41 9.41
C ASN A 286 18.66 -7.37 7.97
N ALA A 287 18.81 -6.15 7.44
CA ALA A 287 19.24 -5.90 6.05
C ALA A 287 20.69 -6.38 5.83
N LEU A 288 21.57 -6.20 6.81
CA LEU A 288 23.00 -6.55 6.62
C LEU A 288 23.11 -8.07 6.70
N ARG A 289 22.29 -8.70 7.55
CA ARG A 289 22.26 -10.18 7.65
C ARG A 289 21.69 -10.74 6.36
N ASP A 290 20.55 -10.21 5.90
CA ASP A 290 19.93 -10.54 4.57
C ASP A 290 20.99 -10.49 3.47
N ALA A 291 21.91 -9.52 3.51
CA ALA A 291 22.92 -9.32 2.44
C ALA A 291 24.13 -10.24 2.66
N GLY A 292 24.20 -10.98 3.77
CA GLY A 292 25.37 -11.81 4.11
C GLY A 292 26.62 -10.98 4.25
N LEU A 293 26.55 -9.80 4.89
CA LEU A 293 27.71 -8.86 4.98
C LEU A 293 28.27 -8.76 6.41
N ASP A 294 29.56 -8.50 6.47
CA ASP A 294 30.22 -7.89 7.65
C ASP A 294 29.79 -6.42 7.64
N PRO A 295 29.25 -5.87 8.75
CA PRO A 295 28.80 -4.49 8.75
C PRO A 295 29.97 -3.57 8.40
N ARG A 296 31.24 -3.99 8.57
CA ARG A 296 32.42 -3.15 8.21
C ARG A 296 32.54 -2.96 6.69
N GLN A 297 31.78 -3.72 5.89
CA GLN A 297 31.78 -3.59 4.41
C GLN A 297 31.02 -2.31 4.01
N VAL A 298 30.19 -1.77 4.90
CA VAL A 298 29.38 -0.57 4.54
C VAL A 298 30.27 0.67 4.40
N ASP A 299 30.22 1.30 3.22
CA ASP A 299 31.07 2.48 2.88
C ASP A 299 30.25 3.76 3.00
N TYR A 300 28.97 3.70 2.67
CA TYR A 300 28.13 4.92 2.49
C TYR A 300 26.72 4.61 2.97
N ILE A 301 26.19 5.45 3.84
CA ILE A 301 24.75 5.42 4.20
C ILE A 301 24.08 6.69 3.68
N ASN A 302 23.03 6.53 2.90
CA ASN A 302 22.09 7.64 2.61
C ASN A 302 21.05 7.60 3.72
N ALA A 303 21.19 8.54 4.65
CA ALA A 303 20.36 8.60 5.86
C ALA A 303 18.91 8.89 5.50
N HIS A 304 18.00 8.61 6.40
CA HIS A 304 16.65 9.21 6.31
C HIS A 304 16.83 10.73 6.42
N GLY A 305 17.47 11.21 7.48
CA GLY A 305 17.96 12.61 7.60
C GLY A 305 16.90 13.68 7.32
N THR A 306 15.79 13.66 8.03
CA THR A 306 14.60 14.51 7.72
C THR A 306 14.71 15.97 8.21
N SER A 307 15.71 16.28 9.05
CA SER A 307 15.94 17.62 9.66
C SER A 307 14.95 17.85 10.81
N THR A 308 14.57 16.78 11.52
CA THR A 308 13.82 16.88 12.78
C THR A 308 14.80 16.67 13.94
N PRO A 309 14.57 17.34 15.08
CA PRO A 309 15.44 17.20 16.26
C PRO A 309 15.61 15.74 16.70
N ALA A 310 14.51 15.00 16.84
CA ALA A 310 14.53 13.61 17.38
C ALA A 310 14.93 12.60 16.29
N GLY A 311 14.39 12.72 15.08
CA GLY A 311 14.69 11.77 13.97
C GLY A 311 16.18 11.69 13.67
N ASP A 312 16.82 12.85 13.50
CA ASP A 312 18.23 12.97 13.08
C ASP A 312 19.16 12.34 14.12
N ILE A 313 18.95 12.57 15.42
CA ILE A 313 19.89 12.06 16.48
C ILE A 313 19.67 10.55 16.68
N ALA A 314 18.42 10.05 16.62
CA ALA A 314 18.08 8.61 16.60
C ALA A 314 18.94 7.87 15.55
N GLU A 315 19.13 8.48 14.39
CA GLU A 315 19.90 7.85 13.28
C GLU A 315 21.37 7.76 13.63
N ILE A 316 21.93 8.79 14.25
CA ILE A 316 23.35 8.70 14.74
C ILE A 316 23.43 7.52 15.70
N ALA A 317 22.52 7.45 16.66
CA ALA A 317 22.54 6.42 17.70
C ALA A 317 22.47 5.06 16.99
N ALA A 318 21.62 4.94 15.98
CA ALA A 318 21.35 3.63 15.34
C ALA A 318 22.64 3.21 14.64
N VAL A 319 23.30 4.16 13.96
CA VAL A 319 24.55 3.87 13.20
C VAL A 319 25.70 3.54 14.14
N LYS A 320 25.85 4.27 15.24
CA LYS A 320 26.92 4.02 16.25
C LYS A 320 26.70 2.62 16.85
N SER A 321 25.47 2.28 17.17
CA SER A 321 25.10 0.98 17.74
C SER A 321 25.40 -0.15 16.74
N VAL A 322 25.01 -0.02 15.46
CA VAL A 322 25.17 -1.15 14.48
C VAL A 322 26.65 -1.26 14.09
N PHE A 323 27.32 -0.15 13.88
CA PHE A 323 28.67 -0.15 13.26
C PHE A 323 29.81 0.03 14.29
N GLY A 324 29.52 0.34 15.55
CA GLY A 324 30.58 0.47 16.57
C GLY A 324 31.66 1.38 16.05
N GLU A 325 32.94 1.02 16.16
CA GLU A 325 34.04 1.93 15.71
C GLU A 325 33.96 2.17 14.18
N HIS A 326 33.43 1.23 13.39
CA HIS A 326 33.33 1.40 11.91
C HIS A 326 32.34 2.56 11.59
N ALA A 327 31.53 3.02 12.53
CA ALA A 327 30.67 4.22 12.36
C ALA A 327 31.53 5.47 12.06
N HIS A 328 32.80 5.52 12.49
CA HIS A 328 33.72 6.64 12.18
C HIS A 328 34.46 6.43 10.86
N ALA A 329 34.30 5.30 10.18
CA ALA A 329 35.03 5.02 8.91
C ALA A 329 34.13 5.28 7.69
N LEU A 330 32.89 4.78 7.72
CA LEU A 330 31.88 4.96 6.64
C LEU A 330 31.55 6.45 6.51
N SER A 331 30.86 6.85 5.42
CA SER A 331 30.29 8.22 5.23
C SER A 331 28.77 8.12 5.19
N MET A 332 28.10 9.01 5.91
CA MET A 332 26.63 9.11 5.97
C MET A 332 26.23 10.54 5.59
N SER A 333 25.27 10.68 4.71
CA SER A 333 24.73 12.01 4.36
C SER A 333 23.22 11.93 4.13
N SER A 334 22.59 13.09 4.28
CA SER A 334 21.15 13.31 3.98
C SER A 334 21.02 14.19 2.73
N THR A 335 20.58 13.60 1.62
CA THR A 335 20.25 14.33 0.37
C THR A 335 18.99 15.20 0.60
N LYS A 336 18.25 14.99 1.69
CA LYS A 336 17.10 15.82 2.06
C LYS A 336 17.61 17.24 2.38
N SER A 337 18.90 17.40 2.69
CA SER A 337 19.54 18.73 2.84
C SER A 337 19.21 19.56 1.59
N MET A 338 19.11 18.91 0.44
CA MET A 338 19.02 19.57 -0.88
C MET A 338 17.63 19.40 -1.50
N THR A 339 17.05 18.19 -1.42
CA THR A 339 15.76 17.80 -2.07
C THR A 339 14.56 18.10 -1.17
N GLY A 340 14.79 18.21 0.15
CA GLY A 340 13.73 18.10 1.16
C GLY A 340 13.17 16.69 1.20
N HIS A 341 11.98 16.55 1.75
CA HIS A 341 11.42 15.24 2.19
C HIS A 341 10.25 14.89 1.30
N LEU A 342 10.48 13.94 0.40
CA LEU A 342 9.51 13.58 -0.67
C LEU A 342 8.57 12.52 -0.10
N LEU A 343 8.57 12.32 1.21
CA LEU A 343 7.63 11.43 1.93
C LEU A 343 7.71 10.05 1.28
N GLY A 344 6.62 9.54 0.68
CA GLY A 344 6.59 8.17 0.14
C GLY A 344 7.56 8.00 -1.02
N ALA A 345 7.97 9.10 -1.65
CA ALA A 345 8.93 9.06 -2.77
C ALA A 345 10.37 9.18 -2.25
N ALA A 346 10.56 9.62 -1.00
CA ALA A 346 11.90 9.77 -0.38
C ALA A 346 12.77 8.51 -0.55
N GLY A 347 12.28 7.32 -0.20
CA GLY A 347 13.04 6.07 -0.35
C GLY A 347 13.41 5.82 -1.81
N ALA A 348 12.56 6.21 -2.72
CA ALA A 348 12.76 5.91 -4.17
C ALA A 348 13.87 6.81 -4.73
N VAL A 349 13.78 8.13 -4.56
CA VAL A 349 14.87 9.00 -5.08
C VAL A 349 16.17 8.67 -4.34
N GLU A 350 16.11 8.31 -3.06
CA GLU A 350 17.34 8.08 -2.26
C GLU A 350 17.97 6.75 -2.63
N ALA A 351 17.18 5.73 -2.98
CA ALA A 351 17.69 4.46 -3.53
C ALA A 351 18.50 4.78 -4.79
N ILE A 352 17.97 5.66 -5.65
CA ILE A 352 18.67 6.09 -6.89
C ILE A 352 19.98 6.83 -6.57
N PHE A 353 19.97 7.76 -5.63
CA PHE A 353 21.19 8.52 -5.26
C PHE A 353 22.25 7.52 -4.72
N SER A 354 21.84 6.52 -3.92
CA SER A 354 22.71 5.46 -3.33
C SER A 354 23.38 4.67 -4.47
N VAL A 355 22.61 4.28 -5.48
CA VAL A 355 23.10 3.50 -6.63
C VAL A 355 24.13 4.37 -7.40
N LEU A 356 23.86 5.67 -7.53
CA LEU A 356 24.76 6.59 -8.25
C LEU A 356 26.02 6.88 -7.41
N ALA A 357 25.92 6.89 -6.08
CA ALA A 357 27.09 6.98 -5.18
C ALA A 357 28.06 5.83 -5.52
N LEU A 358 27.50 4.64 -5.79
CA LEU A 358 28.26 3.43 -6.18
C LEU A 358 28.83 3.57 -7.61
N ARG A 359 28.05 4.00 -8.61
CA ARG A 359 28.55 4.23 -10.00
C ARG A 359 29.73 5.21 -10.01
N ASP A 360 29.60 6.35 -9.34
CA ASP A 360 30.51 7.50 -9.51
C ASP A 360 31.51 7.56 -8.35
N GLN A 361 31.39 6.68 -7.35
CA GLN A 361 32.35 6.60 -6.21
C GLN A 361 32.41 7.92 -5.47
N VAL A 362 31.26 8.45 -5.04
CA VAL A 362 31.20 9.79 -4.38
C VAL A 362 30.05 9.75 -3.37
N ALA A 363 30.31 10.28 -2.19
CA ALA A 363 29.34 10.53 -1.11
C ALA A 363 28.73 11.90 -1.34
N PRO A 364 27.41 11.95 -1.60
CA PRO A 364 26.65 13.20 -1.64
C PRO A 364 26.77 13.95 -0.33
N PRO A 365 26.76 15.29 -0.37
CA PRO A 365 26.86 16.07 0.85
C PRO A 365 25.55 16.18 1.62
N THR A 366 25.68 16.52 2.90
CA THR A 366 24.64 17.15 3.73
C THR A 366 24.93 18.63 3.69
N ILE A 367 24.25 19.41 2.84
CA ILE A 367 24.42 20.88 2.86
C ILE A 367 23.77 21.42 4.14
N ASN A 368 24.14 22.65 4.52
CA ASN A 368 23.54 23.39 5.66
C ASN A 368 23.99 22.89 7.04
N LEU A 369 24.91 21.91 7.11
CA LEU A 369 25.36 21.33 8.39
C LEU A 369 26.50 22.20 8.92
N ASP A 370 26.12 23.36 9.46
CA ASP A 370 27.07 24.43 9.83
C ASP A 370 27.54 24.15 11.27
N ASN A 371 26.67 23.64 12.13
CA ASN A 371 26.92 23.39 13.58
C ASN A 371 26.33 22.04 13.95
N PRO A 372 27.08 20.94 13.64
CA PRO A 372 26.63 19.60 13.96
C PRO A 372 26.15 19.53 15.41
N ASP A 373 25.03 18.87 15.67
CA ASP A 373 24.48 18.80 17.03
C ASP A 373 25.33 17.89 17.94
N GLU A 374 25.03 17.93 19.23
CA GLU A 374 25.69 17.09 20.26
C GLU A 374 25.58 15.64 19.81
N GLY A 375 26.72 14.97 19.72
CA GLY A 375 26.83 13.53 19.42
C GLY A 375 26.78 13.22 17.93
N CYS A 376 26.52 14.24 17.08
CA CYS A 376 26.56 14.15 15.59
C CYS A 376 28.00 14.32 15.09
N ASP A 377 28.87 13.37 15.39
CA ASP A 377 30.35 13.49 15.26
C ASP A 377 30.88 12.44 14.27
N LEU A 378 30.00 11.80 13.46
CA LEU A 378 30.43 10.87 12.39
C LEU A 378 30.83 11.69 11.16
N ASP A 379 31.41 11.06 10.12
CA ASP A 379 31.60 11.72 8.80
C ASP A 379 30.23 11.92 8.14
N LEU A 380 29.65 13.11 8.29
CA LEU A 380 28.33 13.40 7.69
C LEU A 380 28.44 14.12 6.35
N VAL A 381 29.65 14.20 5.79
CA VAL A 381 29.95 14.80 4.46
C VAL A 381 29.31 16.19 4.45
N ALA A 382 29.56 16.98 5.49
CA ALA A 382 29.13 18.41 5.58
C ALA A 382 29.53 19.16 4.31
N HIS A 383 28.58 19.83 3.67
CA HIS A 383 28.82 20.98 2.74
C HIS A 383 29.19 20.53 1.35
N GLU A 384 30.07 19.54 1.16
CA GLU A 384 30.69 19.23 -0.15
C GLU A 384 30.72 17.73 -0.40
N ALA A 385 30.45 17.34 -1.64
CA ALA A 385 30.52 15.95 -2.12
C ALA A 385 31.93 15.44 -1.83
N LYS A 386 32.04 14.17 -1.42
CA LYS A 386 33.31 13.54 -1.01
C LYS A 386 33.56 12.31 -1.88
N PRO A 387 34.45 12.43 -2.89
CA PRO A 387 34.92 11.28 -3.65
C PRO A 387 35.49 10.25 -2.67
N ARG A 388 35.22 8.97 -2.83
CA ARG A 388 35.70 7.93 -1.89
C ARG A 388 35.30 6.56 -2.42
N LYS A 389 35.92 5.54 -1.88
CA LYS A 389 35.63 4.15 -2.25
C LYS A 389 34.27 3.79 -1.64
N ILE A 390 33.38 3.25 -2.46
CA ILE A 390 32.04 2.77 -2.03
C ILE A 390 31.77 1.47 -2.78
N ASP A 391 31.87 0.38 -2.06
CA ASP A 391 31.53 -0.96 -2.59
C ASP A 391 30.11 -1.30 -2.13
N VAL A 392 29.76 -0.93 -0.90
CA VAL A 392 28.41 -1.18 -0.31
C VAL A 392 27.80 0.13 0.17
N ALA A 393 26.57 0.39 -0.30
CA ALA A 393 25.78 1.57 0.10
C ALA A 393 24.46 1.09 0.69
N LEU A 394 24.00 1.84 1.68
N LEU A 394 24.06 1.75 1.78
CA LEU A 394 22.76 1.55 2.42
CA LEU A 394 22.76 1.58 2.48
C LEU A 394 21.86 2.80 2.37
C LEU A 394 21.87 2.81 2.22
N SER A 395 20.55 2.60 2.23
CA SER A 395 19.55 3.68 2.21
C SER A 395 18.54 3.36 3.31
N ASN A 396 18.44 4.25 4.30
CA ASN A 396 17.47 4.12 5.42
C ASN A 396 16.25 5.04 5.23
N SER A 397 15.11 4.51 5.65
CA SER A 397 13.81 5.23 5.76
C SER A 397 13.13 4.79 7.06
N PHE A 398 12.46 5.75 7.72
N PHE A 398 12.45 5.73 7.72
CA PHE A 398 11.60 5.55 8.91
CA PHE A 398 11.58 5.47 8.91
C PHE A 398 10.30 6.30 8.63
C PHE A 398 10.35 6.37 8.81
N GLY A 399 9.18 5.83 9.18
CA GLY A 399 7.87 6.49 8.97
C GLY A 399 7.01 6.50 10.23
N PHE A 400 5.97 7.32 10.21
CA PHE A 400 4.82 7.23 11.15
C PHE A 400 4.39 5.74 11.22
N GLY A 401 4.03 5.30 12.43
CA GLY A 401 3.65 3.92 12.76
C GLY A 401 4.84 3.09 13.17
N GLY A 402 6.02 3.68 13.30
CA GLY A 402 7.23 2.95 13.70
C GLY A 402 7.71 2.01 12.63
N THR A 403 7.42 2.34 11.36
N THR A 403 7.35 2.33 11.38
CA THR A 403 7.75 1.52 10.17
CA THR A 403 7.76 1.63 10.15
C THR A 403 9.16 1.88 9.71
C THR A 403 9.26 1.87 9.94
N ASN A 404 10.00 0.89 9.44
CA ASN A 404 11.44 1.07 9.13
C ASN A 404 11.77 0.28 7.87
N GLY A 405 12.64 0.82 7.04
CA GLY A 405 13.13 0.05 5.89
C GLY A 405 14.58 0.34 5.62
N THR A 406 15.31 -0.69 5.20
CA THR A 406 16.70 -0.51 4.77
C THR A 406 16.91 -1.26 3.46
N LEU A 407 17.67 -0.63 2.58
CA LEU A 407 18.10 -1.27 1.30
C LEU A 407 19.62 -1.28 1.27
N VAL A 408 20.18 -2.42 0.87
CA VAL A 408 21.64 -2.62 0.73
C VAL A 408 21.95 -2.88 -0.76
N PHE A 409 22.76 -2.00 -1.32
CA PHE A 409 23.24 -2.09 -2.72
C PHE A 409 24.75 -2.31 -2.68
N ARG A 410 25.27 -3.05 -3.66
CA ARG A 410 26.74 -3.09 -3.86
C ARG A 410 27.07 -3.01 -5.34
N ARG A 411 28.31 -2.59 -5.66
CA ARG A 411 28.89 -2.63 -7.02
C ARG A 411 28.82 -4.05 -7.57
N PHE A 412 28.48 -4.19 -8.86
CA PHE A 412 28.28 -5.52 -9.49
C PHE A 412 29.32 -5.74 -10.59
N ALA A 413 30.00 -6.91 -10.59
CA ALA A 413 31.13 -7.30 -11.48
C ALA A 413 30.61 -8.05 -12.72
N SER B 2 12.64 -25.24 -0.75
CA SER B 2 11.21 -25.37 -0.36
C SER B 2 10.76 -24.12 0.42
N ARG B 3 9.84 -24.26 1.38
CA ARG B 3 8.83 -23.20 1.70
C ARG B 3 7.98 -23.62 2.88
N ARG B 4 7.74 -22.73 3.85
CA ARG B 4 6.97 -23.15 5.04
C ARG B 4 5.46 -23.07 4.75
N ARG B 5 4.69 -23.91 5.44
CA ARG B 5 3.22 -23.90 5.32
C ARG B 5 2.64 -22.86 6.31
N VAL B 6 1.52 -22.26 5.88
CA VAL B 6 0.82 -21.13 6.56
C VAL B 6 -0.63 -21.55 6.85
N VAL B 7 -1.05 -21.38 8.10
CA VAL B 7 -2.41 -21.77 8.55
C VAL B 7 -3.06 -20.55 9.16
N ILE B 8 -4.40 -20.57 9.21
CA ILE B 8 -5.21 -19.50 9.83
C ILE B 8 -5.62 -19.94 11.24
N THR B 9 -5.17 -19.20 12.24
CA THR B 9 -5.40 -19.53 13.65
C THR B 9 -6.26 -18.46 14.33
N GLY B 10 -6.58 -17.36 13.64
CA GLY B 10 -7.40 -16.29 14.26
C GLY B 10 -8.10 -15.46 13.20
N MET B 11 -9.35 -15.08 13.47
CA MET B 11 -10.13 -14.22 12.57
C MET B 11 -10.88 -13.18 13.40
N GLY B 12 -11.03 -12.01 12.77
CA GLY B 12 -11.67 -10.81 13.31
C GLY B 12 -12.39 -10.07 12.21
N MET B 13 -13.51 -9.45 12.52
CA MET B 13 -14.34 -8.79 11.47
C MET B 13 -15.28 -7.75 12.06
N LEU B 14 -15.48 -6.64 11.35
CA LEU B 14 -16.66 -5.77 11.40
C LEU B 14 -17.31 -5.76 10.01
N SER B 15 -18.61 -5.99 9.92
CA SER B 15 -19.32 -5.97 8.61
C SER B 15 -20.70 -5.33 8.81
N PRO B 16 -21.41 -5.09 7.69
CA PRO B 16 -22.79 -4.66 7.73
C PRO B 16 -23.69 -5.75 8.34
N LEU B 17 -23.18 -6.96 8.49
CA LEU B 17 -23.98 -8.07 9.07
C LEU B 17 -23.70 -8.24 10.57
N GLY B 18 -22.68 -7.62 11.14
CA GLY B 18 -22.37 -7.92 12.55
C GLY B 18 -21.07 -7.33 13.04
N LEU B 19 -20.87 -7.30 14.36
CA LEU B 19 -19.69 -6.69 15.02
C LEU B 19 -18.64 -7.77 15.32
N ASP B 20 -18.81 -8.99 14.80
CA ASP B 20 -17.74 -10.00 14.92
C ASP B 20 -17.98 -11.07 13.85
N VAL B 21 -17.16 -12.11 13.87
CA VAL B 21 -17.20 -13.15 12.83
C VAL B 21 -18.46 -13.98 13.01
N PRO B 22 -18.73 -14.56 14.20
CA PRO B 22 -19.83 -15.51 14.33
C PRO B 22 -21.16 -14.82 14.00
N SER B 23 -21.37 -13.57 14.39
CA SER B 23 -22.60 -12.81 14.05
C SER B 23 -22.67 -12.60 12.53
N SER B 24 -21.60 -12.07 11.93
CA SER B 24 -21.50 -11.89 10.46
C SER B 24 -21.89 -13.18 9.73
N TRP B 25 -21.27 -14.30 10.12
CA TRP B 25 -21.41 -15.64 9.48
C TRP B 25 -22.83 -16.18 9.61
N GLU B 26 -23.44 -16.02 10.79
CA GLU B 26 -24.88 -16.32 10.99
C GLU B 26 -25.70 -15.59 9.92
N GLY B 27 -25.44 -14.30 9.67
CA GLY B 27 -26.16 -13.48 8.67
C GLY B 27 -25.96 -14.04 7.28
N ILE B 28 -24.72 -14.41 6.95
CA ILE B 28 -24.35 -14.94 5.61
C ILE B 28 -25.16 -16.20 5.33
N LEU B 29 -25.20 -17.12 6.28
CA LEU B 29 -25.80 -18.46 6.09
C LEU B 29 -27.34 -18.33 6.14
N ALA B 30 -27.85 -17.25 6.75
CA ALA B 30 -29.29 -16.94 6.78
C ALA B 30 -29.74 -16.11 5.56
N GLY B 31 -28.82 -15.64 4.70
CA GLY B 31 -29.20 -14.82 3.54
C GLY B 31 -29.71 -13.46 3.95
N ARG B 32 -29.27 -12.97 5.10
CA ARG B 32 -29.65 -11.64 5.60
C ARG B 32 -28.91 -10.59 4.76
N SER B 33 -29.54 -9.43 4.54
CA SER B 33 -28.93 -8.22 3.94
C SER B 33 -28.48 -7.29 5.07
N GLY B 34 -27.31 -6.70 4.91
CA GLY B 34 -26.81 -5.66 5.79
C GLY B 34 -27.05 -4.28 5.23
N ILE B 35 -27.77 -4.16 4.10
CA ILE B 35 -27.90 -2.90 3.33
C ILE B 35 -29.16 -2.12 3.76
N ALA B 36 -29.02 -0.80 3.94
CA ALA B 36 -30.08 0.09 4.45
C ALA B 36 -29.77 1.55 4.10
N PRO B 37 -30.78 2.44 4.08
CA PRO B 37 -30.52 3.85 3.93
C PRO B 37 -29.47 4.22 4.98
N ILE B 38 -28.52 5.06 4.59
CA ILE B 38 -27.45 5.57 5.49
C ILE B 38 -28.04 6.63 6.40
N GLU B 39 -27.82 6.51 7.71
CA GLU B 39 -28.42 7.45 8.70
C GLU B 39 -27.42 8.53 9.10
N HIS B 40 -27.95 9.58 9.70
CA HIS B 40 -27.16 10.64 10.39
C HIS B 40 -26.34 11.39 9.34
N MET B 41 -26.96 11.74 8.21
CA MET B 41 -26.24 12.28 7.01
C MET B 41 -27.24 12.72 5.94
N ASP B 42 -27.06 13.90 5.33
CA ASP B 42 -28.02 14.43 4.32
C ASP B 42 -27.60 13.95 2.92
N LEU B 43 -28.29 12.94 2.39
CA LEU B 43 -27.96 12.34 1.07
C LEU B 43 -29.03 12.75 0.04
N SER B 44 -29.78 13.83 0.29
CA SER B 44 -30.87 14.30 -0.60
C SER B 44 -30.37 14.47 -2.03
N ALA B 45 -29.19 15.07 -2.21
CA ALA B 45 -28.63 15.46 -3.52
C ALA B 45 -27.92 14.27 -4.20
N TYR B 46 -27.87 13.10 -3.57
CA TYR B 46 -27.05 11.95 -4.05
C TYR B 46 -27.95 10.98 -4.79
N SER B 47 -27.43 10.27 -5.80
CA SER B 47 -28.27 9.35 -6.62
C SER B 47 -28.38 7.98 -5.93
N THR B 48 -27.53 7.72 -4.92
CA THR B 48 -27.56 6.52 -4.04
C THR B 48 -27.59 7.00 -2.58
N ARG B 49 -28.52 6.48 -1.78
CA ARG B 49 -28.79 6.91 -0.39
C ARG B 49 -28.69 5.76 0.62
N PHE B 50 -28.18 4.61 0.18
CA PHE B 50 -28.16 3.38 0.98
C PHE B 50 -26.77 2.73 0.80
N GLY B 51 -26.46 1.81 1.70
CA GLY B 51 -25.27 0.94 1.67
C GLY B 51 -25.16 0.11 2.94
N GLY B 52 -24.01 -0.57 3.13
CA GLY B 52 -23.70 -1.40 4.29
C GLY B 52 -22.89 -0.65 5.33
N SER B 53 -23.56 -0.10 6.32
CA SER B 53 -22.90 0.62 7.44
C SER B 53 -22.60 -0.40 8.54
N VAL B 54 -21.56 -0.18 9.32
CA VAL B 54 -21.35 -0.99 10.56
C VAL B 54 -22.26 -0.42 11.64
N LYS B 55 -23.18 -1.21 12.17
CA LYS B 55 -24.26 -0.75 13.08
C LYS B 55 -23.87 -1.03 14.54
N GLY B 56 -23.74 -0.02 15.39
CA GLY B 56 -23.64 -0.20 16.85
C GLY B 56 -22.22 -0.33 17.33
N PHE B 57 -21.24 0.02 16.52
CA PHE B 57 -19.81 -0.22 16.81
C PHE B 57 -19.40 0.70 17.97
N ASN B 58 -18.77 0.09 18.94
CA ASN B 58 -18.28 0.72 20.18
C ASN B 58 -16.76 0.64 20.18
N VAL B 59 -16.08 1.69 19.69
CA VAL B 59 -14.61 1.76 19.63
C VAL B 59 -14.00 1.64 21.05
N GLU B 60 -14.67 2.11 22.09
CA GLU B 60 -14.15 2.08 23.48
C GLU B 60 -14.05 0.64 24.03
N GLU B 61 -14.58 -0.39 23.34
CA GLU B 61 -14.26 -1.80 23.68
C GLU B 61 -12.79 -2.10 23.34
N TYR B 62 -12.14 -1.24 22.55
CA TYR B 62 -10.81 -1.49 21.95
C TYR B 62 -9.83 -0.42 22.41
N LEU B 63 -10.27 0.83 22.38
CA LEU B 63 -9.38 1.99 22.63
C LEU B 63 -10.06 2.92 23.63
N SER B 64 -9.22 3.68 24.34
CA SER B 64 -9.62 4.87 25.09
C SER B 64 -10.35 5.82 24.13
N ALA B 65 -11.36 6.56 24.61
CA ALA B 65 -11.98 7.65 23.83
C ALA B 65 -10.87 8.55 23.27
N LYS B 66 -9.84 8.82 24.05
CA LYS B 66 -8.79 9.77 23.63
C LYS B 66 -7.98 9.22 22.42
N GLU B 67 -7.58 7.95 22.44
N GLU B 67 -7.56 7.95 22.50
CA GLU B 67 -6.83 7.35 21.30
CA GLU B 67 -6.90 7.20 21.39
C GLU B 67 -7.75 7.28 20.07
C GLU B 67 -7.75 7.28 20.14
N ALA B 68 -9.01 6.85 20.24
CA ALA B 68 -10.00 6.73 19.14
C ALA B 68 -10.22 8.05 18.38
N ARG B 69 -10.30 9.17 19.09
CA ARG B 69 -10.57 10.54 18.54
C ARG B 69 -9.44 10.94 17.59
N LYS B 70 -8.30 10.31 17.69
CA LYS B 70 -7.15 10.69 16.82
C LYS B 70 -7.21 9.93 15.49
N LEU B 71 -8.11 8.95 15.32
CA LEU B 71 -8.04 7.94 14.22
C LEU B 71 -9.32 7.97 13.37
N ASP B 72 -9.16 7.95 12.03
CA ASP B 72 -10.27 7.74 11.08
C ASP B 72 -11.04 6.48 11.49
N LEU B 73 -12.35 6.46 11.24
CA LEU B 73 -13.18 5.24 11.36
C LEU B 73 -12.47 4.05 10.70
N PHE B 74 -11.87 4.16 9.50
CA PHE B 74 -11.33 2.99 8.78
C PHE B 74 -10.24 2.37 9.68
N ILE B 75 -9.49 3.21 10.38
CA ILE B 75 -8.44 2.73 11.31
C ILE B 75 -9.08 2.06 12.52
N GLN B 76 -10.11 2.67 13.09
CA GLN B 76 -10.82 2.06 14.23
C GLN B 76 -11.29 0.66 13.79
N TYR B 77 -11.90 0.55 12.63
CA TYR B 77 -12.46 -0.74 12.14
C TYR B 77 -11.33 -1.77 11.98
N GLY B 78 -10.17 -1.33 11.48
CA GLY B 78 -9.01 -2.19 11.25
C GLY B 78 -8.47 -2.75 12.55
N LEU B 79 -8.41 -1.90 13.56
CA LEU B 79 -7.85 -2.25 14.88
C LEU B 79 -8.85 -3.19 15.54
N ALA B 80 -10.13 -2.90 15.44
CA ALA B 80 -11.19 -3.78 15.98
C ALA B 80 -10.99 -5.22 15.45
N ALA B 81 -11.00 -5.41 14.13
CA ALA B 81 -10.81 -6.74 13.48
C ALA B 81 -9.46 -7.35 13.89
N SER B 82 -8.39 -6.56 13.88
CA SER B 82 -7.02 -6.99 14.26
C SER B 82 -7.00 -7.50 15.71
N PHE B 83 -7.62 -6.76 16.65
CA PHE B 83 -7.64 -7.12 18.08
C PHE B 83 -8.48 -8.41 18.24
N GLN B 84 -9.62 -8.53 17.53
CA GLN B 84 -10.46 -9.76 17.66
C GLN B 84 -9.66 -10.98 17.16
N ALA B 85 -8.94 -10.83 16.05
CA ALA B 85 -8.23 -11.92 15.35
C ALA B 85 -7.09 -12.44 16.23
N VAL B 86 -6.30 -11.54 16.80
CA VAL B 86 -5.24 -11.89 17.78
C VAL B 86 -5.84 -12.62 18.99
N ARG B 87 -6.87 -12.07 19.64
CA ARG B 87 -7.57 -12.69 20.81
C ARG B 87 -8.09 -14.06 20.38
N ASP B 88 -8.77 -14.15 19.24
CA ASP B 88 -9.26 -15.43 18.66
C ASP B 88 -8.11 -16.45 18.55
N SER B 89 -6.88 -16.01 18.25
CA SER B 89 -5.74 -16.91 17.94
C SER B 89 -5.18 -17.54 19.22
N GLY B 90 -5.37 -16.87 20.35
CA GLY B 90 -4.76 -17.20 21.65
C GLY B 90 -3.26 -16.93 21.67
N LEU B 91 -2.72 -16.15 20.73
CA LEU B 91 -1.26 -15.96 20.60
C LEU B 91 -0.74 -15.12 21.76
N GLU B 92 0.39 -15.47 22.35
CA GLU B 92 1.04 -14.61 23.37
C GLU B 92 2.30 -14.03 22.74
N VAL B 93 2.37 -12.70 22.73
CA VAL B 93 3.57 -11.95 22.26
C VAL B 93 4.55 -11.90 23.43
N THR B 94 5.81 -12.25 23.17
CA THR B 94 6.89 -12.38 24.18
C THR B 94 8.13 -11.67 23.67
N ASP B 95 9.07 -11.38 24.56
CA ASP B 95 10.38 -10.84 24.15
C ASP B 95 11.03 -11.83 23.18
N ALA B 96 10.67 -13.10 23.25
CA ALA B 96 11.29 -14.19 22.48
C ALA B 96 10.69 -14.29 21.08
N ASN B 97 9.47 -13.83 20.83
CA ASN B 97 8.85 -13.98 19.49
C ASN B 97 8.45 -12.62 18.88
N ARG B 98 8.63 -11.49 19.56
CA ARG B 98 7.98 -10.24 19.05
C ARG B 98 8.61 -9.79 17.71
N GLU B 99 9.86 -10.15 17.42
CA GLU B 99 10.49 -9.76 16.13
C GLU B 99 10.05 -10.71 15.02
N ARG B 100 9.26 -11.74 15.34
CA ARG B 100 8.77 -12.71 14.34
C ARG B 100 7.28 -12.49 14.05
N ILE B 101 6.71 -11.42 14.60
CA ILE B 101 5.25 -11.13 14.46
C ILE B 101 5.12 -9.74 13.84
N GLY B 102 4.46 -9.69 12.68
CA GLY B 102 4.36 -8.48 11.87
C GLY B 102 2.92 -8.23 11.49
N VAL B 103 2.66 -7.15 10.75
N VAL B 103 2.66 -7.22 10.66
CA VAL B 103 1.28 -6.70 10.39
CA VAL B 103 1.28 -6.77 10.39
C VAL B 103 1.25 -6.12 8.97
C VAL B 103 1.16 -6.03 9.04
N SER B 104 0.20 -6.52 8.22
CA SER B 104 -0.11 -5.97 6.89
C SER B 104 -1.63 -5.80 6.82
N MET B 105 -2.10 -4.72 7.39
CA MET B 105 -3.50 -4.31 7.26
C MET B 105 -3.56 -3.10 6.31
N GLY B 106 -4.46 -3.21 5.33
CA GLY B 106 -4.52 -2.27 4.21
C GLY B 106 -5.86 -1.55 4.14
N SER B 107 -5.94 -0.69 3.16
CA SER B 107 -7.21 -0.01 2.79
C SER B 107 -7.08 0.45 1.34
N GLY B 108 -8.17 0.38 0.58
CA GLY B 108 -8.17 0.84 -0.82
C GLY B 108 -8.31 2.34 -0.89
N ILE B 109 -9.13 2.89 0.00
CA ILE B 109 -9.63 4.30 -0.13
C ILE B 109 -9.21 5.15 1.06
N GLY B 110 -9.12 4.57 2.25
CA GLY B 110 -8.51 5.25 3.41
C GLY B 110 -9.47 6.26 3.98
N GLY B 111 -8.97 7.41 4.42
CA GLY B 111 -9.66 8.28 5.40
C GLY B 111 -10.53 9.37 4.78
N LEU B 112 -11.58 9.01 4.06
CA LEU B 112 -12.53 9.97 3.42
C LEU B 112 -13.25 10.81 4.48
N THR B 113 -13.71 10.19 5.58
CA THR B 113 -14.45 10.86 6.68
C THR B 113 -13.56 11.92 7.34
N ASN B 114 -12.30 11.59 7.61
N ASN B 114 -12.30 11.58 7.62
CA ASN B 114 -11.27 12.54 8.13
CA ASN B 114 -11.26 12.52 8.12
C ASN B 114 -11.04 13.64 7.07
C ASN B 114 -11.06 13.63 7.08
N ILE B 115 -10.93 13.27 5.80
CA ILE B 115 -10.72 14.26 4.69
C ILE B 115 -11.88 15.26 4.72
N GLU B 116 -13.12 14.76 4.80
CA GLU B 116 -14.37 15.57 4.79
C GLU B 116 -14.32 16.57 5.93
N ASN B 117 -14.09 16.09 7.16
CA ASN B 117 -14.16 16.90 8.39
C ASN B 117 -13.04 17.95 8.38
N ASN B 118 -11.82 17.58 7.99
CA ASN B 118 -10.67 18.53 7.95
C ASN B 118 -10.85 19.52 6.80
N CYS B 119 -11.47 19.10 5.71
CA CYS B 119 -11.81 20.01 4.57
C CYS B 119 -12.85 21.03 5.01
N ARG B 120 -13.92 20.54 5.66
CA ARG B 120 -14.94 21.39 6.31
C ARG B 120 -14.21 22.49 7.08
N SER B 121 -13.30 22.15 8.00
CA SER B 121 -12.57 23.17 8.79
C SER B 121 -11.71 24.07 7.86
N LEU B 122 -10.92 23.51 6.97
CA LEU B 122 -10.03 24.32 6.07
C LEU B 122 -10.83 25.37 5.29
N PHE B 123 -11.95 24.98 4.69
CA PHE B 123 -12.74 25.81 3.73
C PHE B 123 -13.52 26.89 4.48
N GLU B 124 -14.07 26.54 5.63
CA GLU B 124 -14.92 27.43 6.46
C GLU B 124 -14.13 28.39 7.36
N GLN B 125 -13.02 27.91 7.94
N GLN B 125 -13.01 27.96 7.95
CA GLN B 125 -12.29 28.61 9.04
CA GLN B 125 -12.27 28.84 8.90
C GLN B 125 -10.83 28.87 8.66
C GLN B 125 -10.75 28.67 8.84
N GLY B 126 -10.23 28.04 7.79
CA GLY B 126 -8.79 28.15 7.41
C GLY B 126 -7.92 27.05 8.02
N PRO B 127 -6.65 26.95 7.61
CA PRO B 127 -5.81 25.81 7.99
C PRO B 127 -5.52 25.66 9.50
N ARG B 128 -5.78 26.68 10.30
CA ARG B 128 -5.44 26.68 11.74
C ARG B 128 -6.42 25.75 12.44
N ARG B 129 -7.52 25.39 11.78
CA ARG B 129 -8.53 24.45 12.35
C ARG B 129 -8.29 23.01 11.89
N ILE B 130 -7.32 22.73 11.02
CA ILE B 130 -6.94 21.33 10.72
C ILE B 130 -6.43 20.67 12.02
N SER B 131 -6.92 19.48 12.29
CA SER B 131 -6.50 18.63 13.42
C SER B 131 -5.00 18.35 13.32
N PRO B 132 -4.27 18.45 14.47
CA PRO B 132 -2.87 17.99 14.53
C PRO B 132 -2.72 16.50 14.19
N PHE B 133 -3.79 15.70 14.33
CA PHE B 133 -3.77 14.24 14.10
C PHE B 133 -4.28 13.92 12.70
N PHE B 134 -4.46 14.94 11.85
CA PHE B 134 -5.02 14.75 10.50
C PHE B 134 -4.19 13.71 9.72
N VAL B 135 -2.87 13.91 9.65
CA VAL B 135 -1.93 13.06 8.87
C VAL B 135 -1.76 11.68 9.52
N PRO B 136 -1.26 11.56 10.79
CA PRO B 136 -1.07 10.24 11.37
C PRO B 136 -2.40 9.51 11.60
N GLY B 137 -3.48 10.28 11.78
CA GLY B 137 -4.81 9.71 12.04
C GLY B 137 -5.53 9.31 10.76
N SER B 138 -4.95 9.53 9.56
CA SER B 138 -5.63 9.26 8.27
C SER B 138 -4.84 8.28 7.39
N ILE B 139 -3.50 8.24 7.49
CA ILE B 139 -2.62 7.44 6.60
C ILE B 139 -2.96 5.97 6.78
N ILE B 140 -2.99 5.27 5.66
CA ILE B 140 -3.51 3.88 5.55
C ILE B 140 -2.66 2.91 6.39
N ASN B 141 -1.38 3.19 6.62
CA ASN B 141 -0.48 2.27 7.36
C ASN B 141 -0.66 2.41 8.88
N MET B 142 -1.64 3.17 9.38
CA MET B 142 -1.74 3.40 10.84
C MET B 142 -2.49 2.26 11.53
N VAL B 143 -3.26 1.44 10.83
CA VAL B 143 -3.82 0.19 11.41
C VAL B 143 -2.63 -0.72 11.75
N SER B 144 -1.73 -0.93 10.79
CA SER B 144 -0.48 -1.71 11.01
C SER B 144 0.37 -1.05 12.12
N GLY B 145 0.61 0.25 12.03
CA GLY B 145 1.41 1.00 13.01
C GLY B 145 0.77 0.93 14.39
N PHE B 146 -0.52 1.22 14.53
CA PHE B 146 -1.13 1.29 15.88
C PHE B 146 -1.13 -0.13 16.45
N LEU B 147 -1.40 -1.10 15.59
CA LEU B 147 -1.52 -2.48 16.13
C LEU B 147 -0.15 -2.89 16.67
N SER B 148 0.91 -2.65 15.90
N SER B 148 0.90 -2.65 15.88
CA SER B 148 2.29 -3.07 16.24
CA SER B 148 2.31 -2.99 16.17
C SER B 148 2.76 -2.36 17.52
C SER B 148 2.75 -2.36 17.51
N ILE B 149 2.36 -1.09 17.72
CA ILE B 149 2.76 -0.30 18.92
C ILE B 149 1.98 -0.81 20.12
N HIS B 150 0.69 -1.06 19.97
CA HIS B 150 -0.16 -1.54 21.09
C HIS B 150 0.31 -2.93 21.55
N LEU B 151 0.73 -3.82 20.64
CA LEU B 151 1.00 -5.23 21.00
C LEU B 151 2.50 -5.48 21.08
N GLY B 152 3.35 -4.50 20.74
CA GLY B 152 4.81 -4.70 20.70
C GLY B 152 5.24 -5.60 19.56
N LEU B 153 4.66 -5.47 18.36
CA LEU B 153 5.05 -6.31 17.20
C LEU B 153 6.18 -5.62 16.45
N GLN B 154 7.23 -6.37 16.13
CA GLN B 154 8.50 -5.83 15.60
C GLN B 154 8.89 -6.59 14.34
N GLY B 155 8.02 -7.49 13.87
CA GLY B 155 8.18 -8.11 12.54
C GLY B 155 7.87 -7.12 11.42
N PRO B 156 7.78 -7.63 10.17
CA PRO B 156 7.41 -6.81 9.02
C PRO B 156 6.20 -5.95 9.34
N ASN B 157 6.37 -4.64 9.18
N ASN B 157 6.35 -4.65 9.14
CA ASN B 157 5.28 -3.66 9.38
CA ASN B 157 5.31 -3.62 9.39
C ASN B 157 5.07 -2.92 8.05
C ASN B 157 5.06 -2.89 8.06
N TYR B 158 3.88 -3.15 7.44
CA TYR B 158 3.53 -2.46 6.19
C TYR B 158 2.03 -2.48 5.95
N ALA B 159 1.62 -1.82 4.86
CA ALA B 159 0.22 -1.80 4.41
C ALA B 159 0.22 -1.71 2.88
N LEU B 160 -0.66 -2.50 2.29
CA LEU B 160 -1.00 -2.48 0.84
C LEU B 160 -2.19 -1.56 0.64
N THR B 161 -2.26 -0.96 -0.54
CA THR B 161 -3.46 -0.24 -1.04
C THR B 161 -3.56 -0.61 -2.53
N THR B 162 -4.44 -1.56 -2.83
CA THR B 162 -4.71 -2.08 -4.19
C THR B 162 -6.22 -2.02 -4.47
N ALA B 163 -6.81 -0.88 -4.13
CA ALA B 163 -8.24 -0.59 -4.32
C ALA B 163 -9.06 -1.74 -3.75
N GLN B 164 -9.95 -2.32 -4.56
CA GLN B 164 -10.89 -3.40 -4.14
C GLN B 164 -10.14 -4.75 -4.01
N THR B 165 -8.83 -4.77 -4.25
CA THR B 165 -8.04 -6.04 -4.14
C THR B 165 -7.22 -6.05 -2.84
N THR B 166 -7.26 -4.95 -2.08
CA THR B 166 -6.37 -4.70 -0.93
C THR B 166 -6.39 -5.89 0.02
N GLY B 167 -7.56 -6.31 0.49
CA GLY B 167 -7.66 -7.35 1.52
C GLY B 167 -7.04 -8.67 1.08
N THR B 168 -7.26 -9.05 -0.17
CA THR B 168 -6.76 -10.30 -0.81
C THR B 168 -5.23 -10.24 -0.90
N HIS B 169 -4.70 -9.13 -1.40
CA HIS B 169 -3.24 -8.94 -1.57
C HIS B 169 -2.57 -8.94 -0.19
N SER B 170 -3.16 -8.24 0.78
CA SER B 170 -2.55 -8.06 2.11
C SER B 170 -2.33 -9.46 2.71
N ILE B 171 -3.36 -10.27 2.68
CA ILE B 171 -3.34 -11.63 3.27
C ILE B 171 -2.33 -12.46 2.48
N GLY B 172 -2.39 -12.40 1.15
CA GLY B 172 -1.51 -13.21 0.30
C GLY B 172 -0.05 -12.93 0.52
N MET B 173 0.34 -11.65 0.53
N MET B 173 0.34 -11.65 0.52
CA MET B 173 1.76 -11.21 0.66
CA MET B 173 1.76 -11.22 0.68
C MET B 173 2.25 -11.41 2.11
C MET B 173 2.24 -11.51 2.11
N ALA B 174 1.34 -11.41 3.08
CA ALA B 174 1.65 -11.72 4.51
C ALA B 174 1.96 -13.21 4.62
N ALA B 175 1.22 -14.04 3.89
CA ALA B 175 1.44 -15.49 3.80
C ALA B 175 2.81 -15.72 3.18
N ARG B 176 3.15 -15.03 2.10
CA ARG B 176 4.50 -15.13 1.49
C ARG B 176 5.57 -14.81 2.55
N ASN B 177 5.33 -13.79 3.40
CA ASN B 177 6.36 -13.37 4.38
C ASN B 177 6.63 -14.59 5.26
N ILE B 178 5.60 -15.34 5.59
CA ILE B 178 5.73 -16.45 6.57
C ILE B 178 6.37 -17.63 5.84
N ALA B 179 5.91 -17.90 4.62
CA ALA B 179 6.35 -19.06 3.81
C ALA B 179 7.86 -18.97 3.56
N TYR B 180 8.38 -17.77 3.38
CA TYR B 180 9.82 -17.58 3.05
C TYR B 180 10.58 -17.19 4.32
N GLY B 181 9.95 -17.34 5.49
CA GLY B 181 10.62 -17.32 6.80
C GLY B 181 10.99 -15.91 7.24
N GLU B 182 10.36 -14.88 6.70
CA GLU B 182 10.61 -13.47 7.15
C GLU B 182 9.85 -13.19 8.45
N ALA B 183 8.81 -13.98 8.76
CA ALA B 183 7.99 -13.86 9.98
C ALA B 183 7.39 -15.23 10.30
N ASP B 184 6.96 -15.46 11.54
CA ASP B 184 6.26 -16.70 11.94
C ASP B 184 4.75 -16.49 12.03
N VAL B 185 4.35 -15.24 12.29
CA VAL B 185 2.95 -14.79 12.49
C VAL B 185 2.77 -13.45 11.78
N MET B 186 1.66 -13.27 11.09
CA MET B 186 1.28 -11.96 10.51
C MET B 186 -0.22 -11.75 10.74
N VAL B 187 -0.61 -10.55 11.15
CA VAL B 187 -2.02 -10.06 11.12
C VAL B 187 -2.24 -9.33 9.79
N ALA B 188 -3.20 -9.79 9.01
CA ALA B 188 -3.38 -9.29 7.64
C ALA B 188 -4.84 -9.22 7.29
N GLY B 189 -5.18 -8.30 6.41
CA GLY B 189 -6.56 -8.02 6.00
C GLY B 189 -6.65 -6.58 5.62
N GLY B 190 -7.84 -5.99 5.79
CA GLY B 190 -8.08 -4.61 5.34
C GLY B 190 -9.25 -4.01 6.07
N SER B 191 -9.38 -2.71 5.95
CA SER B 191 -10.53 -1.97 6.53
C SER B 191 -10.87 -0.80 5.61
N GLU B 192 -12.09 -0.35 5.73
CA GLU B 192 -12.68 0.64 4.83
C GLU B 192 -13.87 1.30 5.53
N MET B 193 -13.98 2.61 5.39
N MET B 193 -13.99 2.61 5.35
CA MET B 193 -15.20 3.39 5.71
CA MET B 193 -15.15 3.44 5.74
C MET B 193 -15.32 4.49 4.65
C MET B 193 -15.33 4.52 4.66
N ALA B 194 -16.06 4.19 3.59
CA ALA B 194 -16.19 5.08 2.40
C ALA B 194 -17.68 5.36 2.18
N ALA B 195 -18.57 4.74 2.97
CA ALA B 195 -20.03 4.94 2.81
C ALA B 195 -20.39 6.25 3.48
N CYS B 196 -19.85 7.32 2.90
CA CYS B 196 -19.94 8.74 3.33
C CYS B 196 -20.01 9.61 2.07
N GLY B 197 -20.00 10.95 2.21
CA GLY B 197 -20.33 11.86 1.10
C GLY B 197 -19.36 11.74 -0.06
N LEU B 198 -18.06 11.73 0.21
CA LEU B 198 -17.02 11.61 -0.83
C LEU B 198 -17.12 10.23 -1.50
N GLY B 199 -17.38 9.18 -0.73
CA GLY B 199 -17.42 7.81 -1.28
C GLY B 199 -18.66 7.60 -2.12
N LEU B 200 -19.84 7.89 -1.57
CA LEU B 200 -21.09 7.80 -2.35
C LEU B 200 -21.01 8.73 -3.57
N GLY B 201 -20.53 9.95 -3.39
CA GLY B 201 -20.37 10.94 -4.46
C GLY B 201 -19.39 10.47 -5.50
N GLY B 202 -18.18 10.06 -5.09
CA GLY B 202 -17.06 9.69 -5.98
C GLY B 202 -17.44 8.54 -6.89
N PHE B 203 -18.03 7.49 -6.31
CA PHE B 203 -18.46 6.26 -7.03
C PHE B 203 -19.73 6.50 -7.82
N GLY B 204 -20.64 7.28 -7.24
CA GLY B 204 -21.84 7.80 -7.92
C GLY B 204 -21.48 8.58 -9.18
N ALA B 205 -20.45 9.45 -9.15
CA ALA B 205 -20.03 10.28 -10.29
C ALA B 205 -19.62 9.39 -11.48
N ALA B 206 -19.00 8.22 -11.21
CA ALA B 206 -18.59 7.20 -12.22
C ALA B 206 -19.76 6.27 -12.56
N ARG B 207 -20.95 6.51 -12.02
CA ARG B 207 -22.17 5.68 -12.19
C ARG B 207 -21.82 4.22 -11.90
N ALA B 208 -20.94 4.00 -10.93
CA ALA B 208 -20.47 2.67 -10.47
C ALA B 208 -21.50 2.05 -9.51
N LEU B 209 -22.36 2.88 -8.90
CA LEU B 209 -23.28 2.47 -7.79
C LEU B 209 -24.66 2.06 -8.30
N SER B 210 -25.24 1.01 -7.71
CA SER B 210 -26.70 0.80 -7.72
C SER B 210 -27.41 2.07 -7.22
N THR B 211 -28.44 2.51 -7.97
CA THR B 211 -29.33 3.62 -7.53
C THR B 211 -30.71 3.08 -7.16
N ARG B 212 -30.83 1.82 -6.71
CA ARG B 212 -32.14 1.20 -6.36
C ARG B 212 -32.57 1.61 -4.95
N ASN B 213 -32.85 2.90 -4.73
CA ASN B 213 -33.10 3.51 -3.41
C ASN B 213 -34.38 2.91 -2.80
N ASP B 214 -35.32 2.46 -3.63
CA ASP B 214 -36.66 2.03 -3.13
C ASP B 214 -36.53 0.64 -2.49
N GLU B 215 -35.55 -0.17 -2.90
CA GLU B 215 -35.38 -1.55 -2.37
C GLU B 215 -33.91 -1.84 -2.04
N PRO B 216 -33.35 -1.16 -1.02
CA PRO B 216 -31.92 -1.25 -0.75
C PRO B 216 -31.43 -2.71 -0.60
N THR B 217 -32.26 -3.59 -0.04
CA THR B 217 -31.84 -4.98 0.27
C THR B 217 -31.73 -5.82 -1.01
N ARG B 218 -32.30 -5.33 -2.12
CA ARG B 218 -32.34 -6.05 -3.41
C ARG B 218 -31.33 -5.41 -4.37
N ALA B 219 -30.68 -4.31 -3.98
CA ALA B 219 -29.79 -3.54 -4.87
C ALA B 219 -28.64 -4.42 -5.32
N SER B 220 -28.05 -5.18 -4.39
CA SER B 220 -26.88 -6.07 -4.68
C SER B 220 -27.38 -7.44 -5.15
N ARG B 221 -27.27 -7.69 -6.46
CA ARG B 221 -27.88 -8.85 -7.13
C ARG B 221 -26.89 -9.33 -8.17
N PRO B 222 -25.73 -9.87 -7.73
CA PRO B 222 -24.70 -10.33 -8.67
C PRO B 222 -25.24 -11.40 -9.63
N TRP B 223 -24.92 -11.22 -10.91
CA TRP B 223 -25.33 -12.10 -12.05
C TRP B 223 -26.83 -12.06 -12.37
N ASP B 224 -27.63 -11.21 -11.70
CA ASP B 224 -29.07 -11.02 -12.02
C ASP B 224 -29.15 -10.02 -13.17
N ARG B 225 -30.09 -10.23 -14.08
CA ARG B 225 -30.19 -9.36 -15.27
C ARG B 225 -30.60 -7.93 -14.89
N ASP B 226 -31.14 -7.67 -13.69
CA ASP B 226 -31.58 -6.30 -13.27
C ASP B 226 -30.51 -5.56 -12.42
N ARG B 227 -29.31 -6.10 -12.24
CA ARG B 227 -28.22 -5.42 -11.46
C ARG B 227 -27.84 -4.09 -12.13
N ASP B 228 -27.41 -3.12 -11.34
CA ASP B 228 -27.17 -1.75 -11.86
C ASP B 228 -25.96 -1.12 -11.17
N GLY B 229 -25.04 -1.95 -10.65
CA GLY B 229 -23.80 -1.48 -10.03
C GLY B 229 -23.70 -1.97 -8.59
N PHE B 230 -22.57 -1.73 -7.96
CA PHE B 230 -22.26 -2.30 -6.62
C PHE B 230 -22.88 -1.44 -5.53
N VAL B 231 -22.89 -1.99 -4.32
CA VAL B 231 -23.43 -1.33 -3.11
C VAL B 231 -22.23 -1.02 -2.22
N LEU B 232 -22.05 0.24 -1.83
CA LEU B 232 -20.86 0.68 -1.06
C LEU B 232 -21.06 0.32 0.42
N SER B 233 -20.08 -0.35 1.04
CA SER B 233 -20.17 -0.91 2.40
C SER B 233 -18.88 -0.66 3.19
N ASP B 234 -19.01 -0.67 4.51
CA ASP B 234 -17.96 -0.36 5.48
C ASP B 234 -17.60 -1.61 6.26
N GLY B 235 -16.40 -1.62 6.79
CA GLY B 235 -16.02 -2.66 7.78
C GLY B 235 -14.59 -3.11 7.64
N SER B 236 -14.33 -4.32 8.09
CA SER B 236 -12.94 -4.82 8.26
C SER B 236 -12.91 -6.33 8.48
N GLY B 237 -11.85 -6.94 7.95
CA GLY B 237 -11.41 -8.32 8.22
C GLY B 237 -9.93 -8.37 8.54
N ALA B 238 -9.58 -9.21 9.50
CA ALA B 238 -8.20 -9.52 9.88
C ALA B 238 -8.10 -11.00 10.11
N LEU B 239 -7.00 -11.60 9.65
CA LEU B 239 -6.64 -12.99 9.93
C LEU B 239 -5.32 -12.97 10.66
N VAL B 240 -5.19 -13.89 11.60
CA VAL B 240 -3.86 -14.32 12.11
C VAL B 240 -3.38 -15.46 11.21
N LEU B 241 -2.33 -15.16 10.47
CA LEU B 241 -1.57 -16.15 9.69
C LEU B 241 -0.39 -16.61 10.55
N GLU B 242 -0.07 -17.89 10.44
CA GLU B 242 0.90 -18.54 11.34
C GLU B 242 1.55 -19.73 10.64
N GLU B 243 2.87 -19.78 10.68
CA GLU B 243 3.65 -20.97 10.22
C GLU B 243 3.11 -22.22 10.93
N LEU B 244 3.01 -23.34 10.22
CA LEU B 244 2.29 -24.53 10.76
C LEU B 244 3.04 -25.05 12.00
N GLU B 245 4.35 -25.19 11.97
CA GLU B 245 5.04 -25.82 13.13
C GLU B 245 4.85 -24.93 14.38
N HIS B 246 4.88 -23.61 14.23
CA HIS B 246 4.61 -22.65 15.33
C HIS B 246 3.18 -22.83 15.86
N ALA B 247 2.22 -23.01 14.97
CA ALA B 247 0.80 -23.19 15.36
C ALA B 247 0.68 -24.49 16.17
N ARG B 248 1.29 -25.56 15.68
CA ARG B 248 1.18 -26.91 16.31
C ARG B 248 1.87 -26.92 17.67
N ALA B 249 3.06 -26.33 17.77
CA ALA B 249 3.86 -26.26 19.01
C ALA B 249 3.07 -25.59 20.15
N ARG B 250 2.26 -24.54 19.89
CA ARG B 250 1.51 -23.87 20.98
C ARG B 250 0.10 -24.47 21.12
N GLY B 251 -0.28 -25.49 20.36
CA GLY B 251 -1.64 -26.06 20.46
C GLY B 251 -2.72 -25.15 19.89
N ALA B 252 -2.39 -24.36 18.87
CA ALA B 252 -3.34 -23.43 18.22
C ALA B 252 -4.50 -24.20 17.57
N ARG B 253 -5.70 -23.64 17.66
CA ARG B 253 -6.88 -23.98 16.83
C ARG B 253 -6.57 -23.52 15.40
N ILE B 254 -6.62 -24.46 14.46
CA ILE B 254 -6.34 -24.17 13.03
C ILE B 254 -7.67 -24.25 12.31
N TYR B 255 -8.06 -23.15 11.65
CA TYR B 255 -9.30 -23.09 10.84
C TYR B 255 -9.08 -23.73 9.47
N ALA B 256 -7.94 -23.52 8.84
CA ALA B 256 -7.70 -23.92 7.44
C ALA B 256 -6.25 -23.58 7.12
N GLU B 257 -5.79 -24.08 5.98
CA GLU B 257 -4.43 -23.78 5.46
C GLU B 257 -4.59 -22.85 4.26
N LEU B 258 -3.78 -21.79 4.23
CA LEU B 258 -3.61 -20.97 3.02
C LEU B 258 -2.53 -21.62 2.13
N VAL B 259 -2.94 -22.24 1.01
CA VAL B 259 -2.04 -23.10 0.17
C VAL B 259 -1.57 -22.35 -1.07
N GLY B 260 -2.29 -21.33 -1.51
CA GLY B 260 -2.10 -20.67 -2.82
C GLY B 260 -2.47 -19.18 -2.80
N PHE B 261 -1.67 -18.38 -3.47
CA PHE B 261 -1.89 -16.94 -3.67
C PHE B 261 -1.47 -16.62 -5.09
N GLY B 262 -2.39 -16.03 -5.83
CA GLY B 262 -2.16 -15.50 -7.17
C GLY B 262 -2.38 -14.00 -7.22
N MET B 263 -1.56 -13.35 -8.04
CA MET B 263 -1.70 -11.94 -8.48
C MET B 263 -1.67 -11.97 -10.02
N SER B 264 -2.17 -10.93 -10.64
CA SER B 264 -2.04 -10.65 -12.07
C SER B 264 -2.51 -9.22 -12.26
N GLY B 265 -2.00 -8.54 -13.29
CA GLY B 265 -2.60 -7.33 -13.84
C GLY B 265 -3.30 -7.62 -15.15
N ASP B 266 -4.50 -7.07 -15.32
CA ASP B 266 -5.26 -7.09 -16.59
C ASP B 266 -4.48 -6.29 -17.65
N ALA B 267 -3.84 -5.17 -17.26
CA ALA B 267 -3.23 -4.21 -18.20
C ALA B 267 -4.26 -3.86 -19.30
N PHE B 268 -5.51 -3.71 -18.89
CA PHE B 268 -6.67 -3.53 -19.80
C PHE B 268 -7.22 -2.10 -19.68
N HIS B 269 -7.87 -1.73 -18.57
CA HIS B 269 -8.59 -0.44 -18.41
C HIS B 269 -8.56 0.01 -16.96
N MET B 270 -8.76 1.30 -16.73
CA MET B 270 -8.61 1.94 -15.39
C MET B 270 -9.68 1.37 -14.46
N THR B 271 -10.87 1.09 -14.96
CA THR B 271 -12.00 0.65 -14.10
C THR B 271 -12.71 -0.59 -14.67
N ALA B 272 -12.66 -0.85 -15.97
CA ALA B 272 -13.46 -1.90 -16.64
C ALA B 272 -12.61 -3.16 -16.78
N PRO B 273 -13.17 -4.35 -16.49
CA PRO B 273 -12.47 -5.61 -16.68
C PRO B 273 -12.55 -5.92 -18.17
N PRO B 274 -11.63 -6.71 -18.75
CA PRO B 274 -11.86 -7.28 -20.07
C PRO B 274 -12.99 -8.32 -20.03
N GLU B 275 -13.75 -8.41 -21.13
CA GLU B 275 -15.04 -9.16 -21.19
C GLU B 275 -14.84 -10.66 -20.95
N ASP B 276 -13.72 -11.22 -21.41
CA ASP B 276 -13.39 -12.65 -21.27
C ASP B 276 -12.80 -12.95 -19.87
N GLY B 277 -12.55 -11.92 -19.04
CA GLY B 277 -11.95 -12.13 -17.70
C GLY B 277 -10.54 -12.73 -17.79
N ALA B 278 -9.78 -12.39 -18.83
CA ALA B 278 -8.43 -12.91 -19.09
C ALA B 278 -7.55 -12.76 -17.84
N GLY B 279 -7.66 -11.63 -17.13
CA GLY B 279 -6.78 -11.29 -16.00
C GLY B 279 -7.13 -12.11 -14.79
N ALA B 280 -8.42 -12.17 -14.47
CA ALA B 280 -8.95 -13.05 -13.41
C ALA B 280 -8.55 -14.50 -13.72
N ALA B 281 -8.57 -14.91 -15.00
CA ALA B 281 -8.26 -16.32 -15.36
C ALA B 281 -6.79 -16.59 -15.04
N ARG B 282 -5.90 -15.70 -15.47
CA ARG B 282 -4.44 -15.82 -15.24
C ARG B 282 -4.16 -15.89 -13.74
N CYS B 283 -4.82 -15.02 -12.98
CA CYS B 283 -4.63 -14.88 -11.53
C CYS B 283 -5.03 -16.20 -10.87
N MET B 284 -6.23 -16.70 -11.19
CA MET B 284 -6.72 -17.97 -10.58
C MET B 284 -5.78 -19.13 -10.96
N LYS B 285 -5.29 -19.15 -12.21
CA LYS B 285 -4.31 -20.17 -12.68
C LYS B 285 -3.00 -20.01 -11.89
N ASN B 286 -2.45 -18.79 -11.81
CA ASN B 286 -1.29 -18.53 -10.93
C ASN B 286 -1.55 -19.09 -9.53
N ALA B 287 -2.71 -18.82 -8.93
CA ALA B 287 -2.94 -19.22 -7.52
C ALA B 287 -2.99 -20.77 -7.42
N LEU B 288 -3.64 -21.45 -8.36
CA LEU B 288 -3.72 -22.93 -8.36
C LEU B 288 -2.32 -23.56 -8.57
N ARG B 289 -1.54 -23.04 -9.53
CA ARG B 289 -0.14 -23.45 -9.73
C ARG B 289 0.63 -23.26 -8.40
N ASP B 290 0.50 -22.09 -7.77
CA ASP B 290 1.10 -21.76 -6.47
C ASP B 290 0.76 -22.85 -5.45
N ALA B 291 -0.50 -23.30 -5.39
CA ALA B 291 -0.96 -24.35 -4.46
C ALA B 291 -0.58 -25.76 -4.94
N GLY B 292 -0.09 -25.94 -6.18
CA GLY B 292 0.16 -27.28 -6.72
C GLY B 292 -1.15 -28.03 -6.91
N LEU B 293 -2.23 -27.32 -7.24
CA LEU B 293 -3.55 -27.96 -7.39
C LEU B 293 -4.04 -27.86 -8.84
N ASP B 294 -4.71 -28.92 -9.28
N ASP B 294 -4.69 -28.93 -9.31
CA ASP B 294 -5.46 -29.01 -10.55
CA ASP B 294 -5.41 -28.95 -10.60
C ASP B 294 -6.77 -28.24 -10.37
C ASP B 294 -6.76 -28.28 -10.40
N PRO B 295 -7.24 -27.45 -11.36
CA PRO B 295 -8.55 -26.80 -11.25
C PRO B 295 -9.72 -27.67 -10.75
N ARG B 296 -9.73 -28.96 -11.09
CA ARG B 296 -10.78 -29.94 -10.66
C ARG B 296 -10.85 -30.10 -9.14
N GLN B 297 -9.81 -29.78 -8.39
CA GLN B 297 -9.87 -29.93 -6.91
C GLN B 297 -10.65 -28.78 -6.26
N VAL B 298 -10.99 -27.71 -6.98
CA VAL B 298 -11.64 -26.52 -6.38
C VAL B 298 -13.14 -26.81 -6.22
N ASP B 299 -13.65 -26.63 -5.01
CA ASP B 299 -15.05 -26.95 -4.66
C ASP B 299 -15.93 -25.70 -4.49
N TYR B 300 -15.35 -24.60 -4.04
CA TYR B 300 -16.10 -23.36 -3.73
C TYR B 300 -15.26 -22.15 -4.09
N ILE B 301 -15.85 -21.21 -4.82
CA ILE B 301 -15.30 -19.86 -5.09
C ILE B 301 -16.23 -18.82 -4.47
N ASN B 302 -15.70 -18.01 -3.58
CA ASN B 302 -16.26 -16.71 -3.17
C ASN B 302 -15.79 -15.73 -4.23
N ALA B 303 -16.70 -15.42 -5.15
CA ALA B 303 -16.51 -14.51 -6.29
C ALA B 303 -16.24 -13.11 -5.78
N HIS B 304 -15.58 -12.28 -6.58
CA HIS B 304 -15.64 -10.81 -6.42
C HIS B 304 -17.13 -10.43 -6.44
N GLY B 305 -17.85 -10.80 -7.51
CA GLY B 305 -19.33 -10.68 -7.61
C GLY B 305 -19.91 -9.34 -7.13
N THR B 306 -19.49 -8.23 -7.73
CA THR B 306 -19.80 -6.86 -7.24
C THR B 306 -21.23 -6.43 -7.65
N SER B 307 -21.92 -7.14 -8.55
CA SER B 307 -23.24 -6.72 -9.07
C SER B 307 -23.09 -5.59 -10.12
N THR B 308 -21.99 -5.50 -10.85
CA THR B 308 -21.83 -4.57 -12.00
C THR B 308 -22.05 -5.34 -13.30
N PRO B 309 -22.58 -4.67 -14.36
CA PRO B 309 -22.84 -5.37 -15.62
C PRO B 309 -21.59 -6.11 -16.13
N ALA B 310 -20.45 -5.41 -16.25
CA ALA B 310 -19.25 -5.98 -16.91
C ALA B 310 -18.51 -6.94 -15.95
N GLY B 311 -18.47 -6.62 -14.64
CA GLY B 311 -17.70 -7.36 -13.61
C GLY B 311 -18.19 -8.79 -13.44
N ASP B 312 -19.50 -8.98 -13.27
CA ASP B 312 -20.09 -10.31 -12.94
C ASP B 312 -19.90 -11.25 -14.11
N ILE B 313 -20.11 -10.73 -15.33
CA ILE B 313 -20.04 -11.50 -16.59
C ILE B 313 -18.58 -11.89 -16.91
N ALA B 314 -17.60 -11.00 -16.73
CA ALA B 314 -16.16 -11.32 -16.86
C ALA B 314 -15.74 -12.50 -15.93
N GLU B 315 -16.29 -12.53 -14.71
N GLU B 315 -16.31 -12.52 -14.72
CA GLU B 315 -15.96 -13.58 -13.72
CA GLU B 315 -15.98 -13.56 -13.70
C GLU B 315 -16.52 -14.94 -14.17
C GLU B 315 -16.54 -14.92 -14.15
N ILE B 316 -17.72 -14.94 -14.76
CA ILE B 316 -18.30 -16.19 -15.34
C ILE B 316 -17.32 -16.62 -16.44
N ALA B 317 -16.93 -15.73 -17.32
CA ALA B 317 -16.03 -16.07 -18.45
C ALA B 317 -14.74 -16.67 -17.88
N ALA B 318 -14.12 -15.97 -16.94
CA ALA B 318 -12.86 -16.42 -16.29
C ALA B 318 -13.03 -17.85 -15.77
N VAL B 319 -14.10 -18.12 -15.04
CA VAL B 319 -14.28 -19.41 -14.34
C VAL B 319 -14.43 -20.51 -15.39
N LYS B 320 -15.27 -20.30 -16.39
CA LYS B 320 -15.47 -21.26 -17.52
C LYS B 320 -14.12 -21.53 -18.18
N SER B 321 -13.31 -20.50 -18.40
CA SER B 321 -11.99 -20.65 -19.05
C SER B 321 -11.05 -21.48 -18.18
N VAL B 322 -10.91 -21.19 -16.89
CA VAL B 322 -9.95 -21.92 -16.01
C VAL B 322 -10.44 -23.34 -15.70
N PHE B 323 -11.74 -23.55 -15.51
CA PHE B 323 -12.26 -24.80 -14.92
C PHE B 323 -12.85 -25.75 -15.95
N GLY B 324 -13.01 -25.33 -17.21
CA GLY B 324 -13.45 -26.19 -18.32
C GLY B 324 -14.69 -26.95 -17.88
N GLU B 325 -14.65 -28.28 -17.96
CA GLU B 325 -15.79 -29.17 -17.62
C GLU B 325 -15.99 -29.23 -16.10
N HIS B 326 -15.18 -28.57 -15.26
CA HIS B 326 -15.40 -28.56 -13.79
C HIS B 326 -16.17 -27.32 -13.35
N ALA B 327 -16.39 -26.35 -14.24
CA ALA B 327 -16.95 -25.01 -13.91
C ALA B 327 -18.34 -25.11 -13.28
N HIS B 328 -19.14 -26.14 -13.62
CA HIS B 328 -20.54 -26.28 -13.13
C HIS B 328 -20.56 -27.11 -11.84
N ALA B 329 -19.48 -27.84 -11.52
CA ALA B 329 -19.40 -28.77 -10.37
C ALA B 329 -19.06 -27.98 -9.10
N LEU B 330 -18.07 -27.10 -9.17
CA LEU B 330 -17.77 -26.15 -8.07
C LEU B 330 -19.01 -25.27 -7.84
N SER B 331 -19.19 -24.80 -6.62
CA SER B 331 -20.24 -23.82 -6.25
C SER B 331 -19.55 -22.46 -6.19
N MET B 332 -20.12 -21.42 -6.81
CA MET B 332 -19.56 -20.05 -6.76
C MET B 332 -20.64 -19.09 -6.28
N SER B 333 -20.40 -18.36 -5.20
CA SER B 333 -21.38 -17.37 -4.67
C SER B 333 -20.70 -16.03 -4.38
N SER B 334 -21.50 -14.97 -4.42
CA SER B 334 -21.10 -13.61 -4.01
C SER B 334 -21.80 -13.28 -2.70
N THR B 335 -21.01 -13.21 -1.63
CA THR B 335 -21.48 -12.73 -0.32
C THR B 335 -21.70 -11.21 -0.40
N LYS B 336 -21.19 -10.52 -1.42
CA LYS B 336 -21.53 -9.09 -1.63
C LYS B 336 -23.04 -8.93 -1.89
N SER B 337 -23.74 -10.03 -2.23
CA SER B 337 -25.22 -10.03 -2.38
C SER B 337 -25.84 -9.61 -1.04
N MET B 338 -25.14 -9.85 0.07
CA MET B 338 -25.64 -9.57 1.44
C MET B 338 -24.89 -8.40 2.12
N THR B 339 -23.57 -8.33 1.92
CA THR B 339 -22.65 -7.40 2.65
C THR B 339 -22.51 -6.08 1.89
N GLY B 340 -22.73 -6.14 0.59
CA GLY B 340 -22.24 -5.11 -0.34
C GLY B 340 -20.74 -5.22 -0.46
N HIS B 341 -20.17 -4.18 -1.00
CA HIS B 341 -18.78 -4.15 -1.45
C HIS B 341 -18.01 -3.33 -0.42
N LEU B 342 -17.20 -3.99 0.43
CA LEU B 342 -16.36 -3.29 1.44
C LEU B 342 -15.04 -2.77 0.83
N LEU B 343 -14.97 -2.70 -0.49
CA LEU B 343 -13.80 -2.25 -1.28
C LEU B 343 -12.53 -3.00 -0.80
N GLY B 344 -11.53 -2.31 -0.24
CA GLY B 344 -10.28 -2.95 0.18
C GLY B 344 -10.45 -3.94 1.30
N ALA B 345 -11.54 -3.93 2.03
CA ALA B 345 -11.81 -4.91 3.10
C ALA B 345 -12.63 -6.08 2.57
N ALA B 346 -13.17 -6.01 1.34
CA ALA B 346 -13.98 -7.08 0.75
C ALA B 346 -13.18 -8.40 0.77
N GLY B 347 -11.95 -8.38 0.30
CA GLY B 347 -11.11 -9.59 0.23
C GLY B 347 -10.79 -10.17 1.59
N ALA B 348 -10.76 -9.34 2.66
CA ALA B 348 -10.47 -9.81 4.04
C ALA B 348 -11.70 -10.54 4.57
N VAL B 349 -12.87 -9.92 4.49
CA VAL B 349 -14.10 -10.54 5.07
C VAL B 349 -14.46 -11.78 4.23
N GLU B 350 -14.19 -11.76 2.92
CA GLU B 350 -14.49 -12.90 2.00
C GLU B 350 -13.44 -14.01 2.16
N ALA B 351 -12.20 -13.70 2.50
CA ALA B 351 -11.23 -14.74 2.93
C ALA B 351 -11.77 -15.48 4.17
N ILE B 352 -12.33 -14.75 5.16
CA ILE B 352 -12.89 -15.38 6.41
C ILE B 352 -14.11 -16.24 6.06
N PHE B 353 -14.98 -15.76 5.17
CA PHE B 353 -16.18 -16.49 4.74
C PHE B 353 -15.78 -17.75 3.97
N SER B 354 -14.67 -17.70 3.23
CA SER B 354 -14.11 -18.86 2.46
C SER B 354 -13.60 -19.93 3.44
N VAL B 355 -12.91 -19.47 4.47
CA VAL B 355 -12.41 -20.30 5.58
C VAL B 355 -13.60 -20.95 6.30
N LEU B 356 -14.64 -20.19 6.66
CA LEU B 356 -15.79 -20.75 7.42
C LEU B 356 -16.63 -21.66 6.52
N ALA B 357 -16.64 -21.43 5.22
CA ALA B 357 -17.23 -22.38 4.22
C ALA B 357 -16.54 -23.74 4.37
N LEU B 358 -15.23 -23.74 4.59
CA LEU B 358 -14.46 -24.97 4.81
C LEU B 358 -14.84 -25.57 6.17
N ARG B 359 -14.85 -24.78 7.23
CA ARG B 359 -15.11 -25.32 8.59
C ARG B 359 -16.51 -25.96 8.61
N ASP B 360 -17.52 -25.33 7.98
CA ASP B 360 -18.94 -25.70 8.16
C ASP B 360 -19.49 -26.48 6.96
N GLN B 361 -18.70 -26.68 5.91
CA GLN B 361 -19.07 -27.46 4.71
C GLN B 361 -20.37 -26.92 4.11
N VAL B 362 -20.39 -25.63 3.81
CA VAL B 362 -21.60 -24.92 3.29
C VAL B 362 -21.14 -23.80 2.37
N ALA B 363 -21.73 -23.71 1.19
CA ALA B 363 -21.61 -22.58 0.26
C ALA B 363 -22.63 -21.52 0.66
N PRO B 364 -22.16 -20.30 1.01
CA PRO B 364 -23.05 -19.17 1.27
C PRO B 364 -23.84 -18.86 0.01
N PRO B 365 -25.08 -18.31 0.16
CA PRO B 365 -25.92 -18.03 -1.01
C PRO B 365 -25.45 -16.77 -1.75
N THR B 366 -25.78 -16.68 -3.03
CA THR B 366 -25.95 -15.40 -3.75
C THR B 366 -27.43 -15.04 -3.64
N ILE B 367 -27.82 -14.18 -2.69
CA ILE B 367 -29.24 -13.73 -2.57
C ILE B 367 -29.56 -12.83 -3.78
N ASN B 368 -30.86 -12.59 -4.05
CA ASN B 368 -31.33 -11.63 -5.09
C ASN B 368 -31.10 -12.15 -6.52
N LEU B 369 -30.65 -13.40 -6.73
CA LEU B 369 -30.34 -13.94 -8.08
C LEU B 369 -31.64 -14.57 -8.61
N ASP B 370 -32.60 -13.72 -8.94
CA ASP B 370 -34.00 -14.06 -9.29
C ASP B 370 -34.06 -14.43 -10.76
N ASN B 371 -33.24 -13.79 -11.59
CA ASN B 371 -33.18 -13.98 -13.08
C ASN B 371 -31.73 -13.96 -13.55
N PRO B 372 -30.98 -15.07 -13.41
CA PRO B 372 -29.62 -15.16 -13.93
C PRO B 372 -29.57 -14.52 -15.33
N ASP B 373 -28.46 -13.86 -15.65
CA ASP B 373 -28.30 -13.15 -16.93
C ASP B 373 -27.78 -14.15 -17.97
N GLU B 374 -27.80 -13.74 -19.23
CA GLU B 374 -27.12 -14.44 -20.36
C GLU B 374 -25.76 -14.96 -19.88
N GLY B 375 -25.57 -16.27 -19.94
CA GLY B 375 -24.26 -16.91 -19.73
C GLY B 375 -24.09 -17.36 -18.29
N CYS B 376 -24.98 -16.96 -17.40
CA CYS B 376 -24.80 -17.05 -15.92
C CYS B 376 -25.46 -18.36 -15.47
N ASP B 377 -24.95 -19.49 -15.97
CA ASP B 377 -25.62 -20.83 -15.86
C ASP B 377 -24.79 -21.76 -14.96
N LEU B 378 -23.85 -21.22 -14.18
CA LEU B 378 -23.01 -21.98 -13.20
C LEU B 378 -23.83 -22.22 -11.94
N ASP B 379 -23.29 -22.94 -10.97
CA ASP B 379 -23.92 -23.15 -9.64
C ASP B 379 -23.61 -21.89 -8.81
N LEU B 380 -24.48 -20.89 -8.83
CA LEU B 380 -24.22 -19.58 -8.17
C LEU B 380 -24.93 -19.54 -6.83
N VAL B 381 -25.41 -20.70 -6.36
CA VAL B 381 -26.00 -20.86 -5.01
C VAL B 381 -27.05 -19.75 -4.80
N ALA B 382 -27.94 -19.57 -5.78
CA ALA B 382 -29.02 -18.56 -5.69
C ALA B 382 -29.85 -18.77 -4.41
N HIS B 383 -30.13 -17.68 -3.68
CA HIS B 383 -31.18 -17.52 -2.63
C HIS B 383 -30.78 -18.18 -1.30
N GLU B 384 -30.34 -19.43 -1.28
CA GLU B 384 -30.22 -20.25 -0.04
C GLU B 384 -28.84 -20.90 0.08
N ALA B 385 -28.32 -20.98 1.30
CA ALA B 385 -27.02 -21.63 1.60
C ALA B 385 -27.11 -23.09 1.16
N LYS B 386 -26.01 -23.66 0.67
CA LYS B 386 -25.98 -25.04 0.15
C LYS B 386 -24.92 -25.85 0.92
N PRO B 387 -25.35 -26.73 1.85
CA PRO B 387 -24.42 -27.71 2.45
C PRO B 387 -23.81 -28.57 1.34
N ARG B 388 -22.48 -28.71 1.30
CA ARG B 388 -21.83 -29.56 0.29
C ARG B 388 -20.42 -29.89 0.77
N LYS B 389 -19.72 -30.74 0.04
CA LYS B 389 -18.29 -31.08 0.26
C LYS B 389 -17.42 -29.90 -0.21
N ILE B 390 -16.59 -29.37 0.67
CA ILE B 390 -15.59 -28.33 0.32
C ILE B 390 -14.26 -28.72 0.94
N ASP B 391 -13.32 -29.16 0.11
CA ASP B 391 -11.90 -29.38 0.53
C ASP B 391 -11.07 -28.14 0.18
N VAL B 392 -11.37 -27.47 -0.94
CA VAL B 392 -10.55 -26.33 -1.49
C VAL B 392 -11.51 -25.17 -1.81
N ALA B 393 -11.25 -24.00 -1.22
CA ALA B 393 -12.01 -22.75 -1.42
C ALA B 393 -11.10 -21.70 -2.07
N LEU B 394 -11.62 -20.97 -3.06
CA LEU B 394 -10.94 -19.85 -3.71
C LEU B 394 -11.66 -18.57 -3.29
N SER B 395 -10.91 -17.50 -3.05
CA SER B 395 -11.47 -16.14 -2.92
C SER B 395 -10.83 -15.24 -3.95
N ASN B 396 -11.65 -14.60 -4.76
CA ASN B 396 -11.16 -13.67 -5.82
C ASN B 396 -11.44 -12.22 -5.45
N SER B 397 -10.52 -11.35 -5.87
CA SER B 397 -10.71 -9.89 -5.86
C SER B 397 -10.13 -9.28 -7.15
N PHE B 398 -10.88 -8.40 -7.80
CA PHE B 398 -10.48 -7.65 -9.03
C PHE B 398 -10.71 -6.18 -8.71
N GLY B 399 -9.73 -5.31 -8.94
CA GLY B 399 -9.84 -3.88 -8.57
C GLY B 399 -9.44 -2.95 -9.71
N PHE B 400 -9.64 -1.67 -9.50
CA PHE B 400 -9.28 -0.59 -10.44
C PHE B 400 -7.79 -0.71 -10.72
N GLY B 401 -7.38 -0.39 -11.94
CA GLY B 401 -5.98 -0.55 -12.37
C GLY B 401 -5.80 -1.91 -12.98
N GLY B 402 -6.85 -2.71 -12.96
CA GLY B 402 -6.87 -4.10 -13.44
C GLY B 402 -6.05 -4.99 -12.54
N THR B 403 -6.08 -4.73 -11.24
CA THR B 403 -5.24 -5.47 -10.25
C THR B 403 -6.08 -6.61 -9.63
N ASN B 404 -5.57 -7.83 -9.77
CA ASN B 404 -6.26 -9.09 -9.40
C ASN B 404 -5.52 -9.83 -8.26
N GLY B 405 -6.29 -10.49 -7.42
CA GLY B 405 -5.81 -11.35 -6.36
C GLY B 405 -6.71 -12.55 -6.22
N THR B 406 -6.11 -13.71 -5.97
CA THR B 406 -6.81 -14.96 -5.62
C THR B 406 -6.10 -15.60 -4.43
N LEU B 407 -6.86 -16.10 -3.46
CA LEU B 407 -6.36 -16.90 -2.32
C LEU B 407 -7.01 -18.29 -2.42
N VAL B 408 -6.20 -19.34 -2.17
CA VAL B 408 -6.67 -20.77 -2.18
C VAL B 408 -6.48 -21.29 -0.77
N PHE B 409 -7.57 -21.59 -0.11
CA PHE B 409 -7.62 -22.21 1.23
C PHE B 409 -8.01 -23.67 1.02
N ARG B 410 -7.48 -24.54 1.87
CA ARG B 410 -7.69 -26.01 1.88
C ARG B 410 -8.03 -26.41 3.32
N ARG B 411 -8.98 -27.34 3.49
CA ARG B 411 -9.28 -28.03 4.77
C ARG B 411 -7.98 -28.60 5.38
N PHE B 412 -7.79 -28.43 6.69
CA PHE B 412 -6.61 -28.93 7.43
C PHE B 412 -7.04 -30.03 8.42
N ALA B 413 -6.50 -31.25 8.28
CA ALA B 413 -6.70 -32.38 9.23
C ALA B 413 -5.68 -33.49 8.95
N1 Q4L C . -5.50 9.30 2.41
N1 Q4L C . -6.90 8.10 0.17
C4 Q4L C . -6.88 9.77 2.20
C4 Q4L C . -5.41 8.17 0.08
C5 Q4L C . -7.72 8.81 1.30
C5 Q4L C . -4.65 8.37 1.42
C6 Q4L C . -4.57 10.07 3.17
C6 Q4L C . -7.73 8.39 -1.00
C7 Q4L C . -4.93 11.38 3.58
C7 Q4L C . -7.08 8.53 -2.23
C8 Q4L C . -4.09 12.14 4.38
C8 Q4L C . -7.81 8.82 -3.37
C10 Q4L C . -2.51 10.33 4.30
C10 Q4L C . -9.87 8.84 -2.13
N Q4L C . -7.12 8.64 -0.01
N Q4L C . -5.14 9.59 2.11
C Q4L C . -10.01 8.67 -2.22
C Q4L C . -2.80 10.51 4.53
O Q4L C . -9.10 8.98 -1.20
O Q4L C . -3.19 9.94 3.29
C1 Q4L C . -7.88 8.35 -1.11
C1 Q4L C . -4.25 10.50 2.66
C11 Q4L C . -3.36 9.57 3.53
C11 Q4L C . -9.14 8.56 -0.98
C2 Q4L C . -5.65 8.80 -0.05
C2 Q4L C . -6.48 10.01 1.73
C3 Q4L C . -4.93 8.50 1.28
C3 Q4L C . -7.37 8.80 1.39
C9 Q4L C . -2.87 11.58 4.75
C9 Q4L C . -9.18 8.96 -3.32
F Q4L C . -2.03 12.23 5.61
F Q4L C . -9.84 9.13 -4.46
O1 Q4L C . -7.54 7.57 -1.92
O1 Q4L C . -4.39 11.72 2.62
S DMS D . 16.57 -9.47 -2.62
O DMS D . 15.47 -10.19 -1.96
C1 DMS D . 17.61 -8.73 -1.37
C2 DMS D . 17.70 -10.74 -3.10
S DMS E . 32.35 -3.05 14.64
O DMS E . 33.40 -2.28 13.87
C1 DMS E . 31.13 -3.58 13.46
C2 DMS E . 33.05 -4.65 15.04
S DMS F . -13.04 18.99 -9.75
O DMS F . -14.48 18.64 -9.83
C1 DMS F . -12.92 20.75 -9.84
C2 DMS F . -12.35 18.62 -11.35
S DMS G . -8.39 -4.33 22.71
O DMS G . -8.16 -5.81 22.64
C1 DMS G . -8.85 -3.99 24.40
C2 DMS G . -6.76 -3.62 22.72
S DMS H . 7.14 -10.44 27.55
O DMS H . 8.05 -11.61 27.32
C1 DMS H . 5.72 -11.15 28.33
C2 DMS H . 7.85 -9.59 28.94
S DMS I . 2.07 -19.23 0.93
O DMS I . 3.01 -18.46 0.02
C1 DMS I . 0.55 -19.43 0.06
C2 DMS I . 2.59 -20.93 0.87
S DMS J . -8.40 13.55 13.19
O DMS J . -8.83 14.34 12.01
C1 DMS J . -8.73 14.53 14.61
C2 DMS J . -9.70 12.38 13.48
S DMS K . -13.57 -11.97 19.69
O DMS K . -12.54 -12.45 18.70
C1 DMS K . -15.10 -11.75 18.82
C2 DMS K . -13.18 -10.32 20.04
S DMS L . -12.75 10.52 14.50
O DMS L . -13.07 9.21 13.88
C1 DMS L . -13.68 10.52 16.00
C2 DMS L . -13.73 11.71 13.63
S DMS M . -1.02 -10.67 23.86
O DMS M . 0.38 -11.15 23.97
C1 DMS M . -1.33 -9.57 25.25
C2 DMS M . -2.06 -12.02 24.37
P PO4 N . 7.73 -18.67 20.15
O1 PO4 N . 8.53 -17.94 21.24
O2 PO4 N . 7.47 -20.13 20.58
O3 PO4 N . 6.37 -17.95 19.92
O4 PO4 N . 8.58 -18.69 18.88
#